data_2LRQ
#
_entry.id   2LRQ
#
_entity_poly.entity_id   1
_entity_poly.type   'polypeptide(L)'
_entity_poly.pdbx_seq_one_letter_code
;MNYSTGTDANTLFVDGERVLCFHGPLIYEAKVLKTKPDATPVEYYIHYAGWSKNWDEWVPENRVLKYNDDNVKRRQELAR
QCGER
;
_entity_poly.pdbx_strand_id   A
#
# COMPACT_ATOMS: atom_id res chain seq x y z
N MET A 1 23.47 4.33 -7.05
CA MET A 1 22.18 3.83 -6.48
C MET A 1 21.02 4.47 -7.23
N ASN A 2 20.55 3.80 -8.28
CA ASN A 2 19.44 4.31 -9.10
C ASN A 2 18.85 3.18 -9.96
N TYR A 3 17.53 3.03 -9.93
CA TYR A 3 16.85 1.98 -10.71
C TYR A 3 16.96 2.31 -12.20
N SER A 4 17.24 1.28 -13.01
CA SER A 4 17.36 1.44 -14.47
C SER A 4 16.03 1.87 -15.07
N THR A 5 14.94 1.65 -14.34
CA THR A 5 13.60 2.01 -14.80
C THR A 5 13.48 3.52 -15.03
N GLY A 6 13.99 4.29 -14.07
CA GLY A 6 13.93 5.77 -14.17
C GLY A 6 14.55 6.41 -12.93
N THR A 7 14.37 7.73 -12.81
CA THR A 7 14.91 8.49 -11.67
C THR A 7 14.30 7.99 -10.35
N ASP A 8 15.15 7.81 -9.35
CA ASP A 8 14.70 7.33 -8.04
C ASP A 8 13.80 8.38 -7.36
N ALA A 9 12.51 8.05 -7.23
CA ALA A 9 11.55 8.95 -6.60
C ALA A 9 11.85 9.11 -5.10
N ASN A 10 11.56 10.28 -4.56
CA ASN A 10 11.80 10.57 -3.14
C ASN A 10 10.94 9.66 -2.26
N THR A 11 9.69 9.46 -2.66
CA THR A 11 8.77 8.61 -1.91
C THR A 11 9.25 7.15 -1.92
N LEU A 12 8.93 6.42 -0.86
CA LEU A 12 9.36 5.02 -0.72
C LEU A 12 8.43 4.11 -1.53
N PHE A 13 7.38 4.69 -2.10
CA PHE A 13 6.38 3.93 -2.92
C PHE A 13 6.37 4.43 -4.37
N VAL A 14 6.11 3.51 -5.30
CA VAL A 14 6.07 3.82 -6.76
C VAL A 14 4.79 3.26 -7.39
N ASP A 15 4.42 3.82 -8.54
CA ASP A 15 3.22 3.39 -9.26
C ASP A 15 3.35 1.94 -9.75
N GLY A 16 2.25 1.20 -9.69
CA GLY A 16 2.22 -0.20 -10.13
C GLY A 16 2.64 -1.15 -9.02
N GLU A 17 3.11 -0.58 -7.92
CA GLU A 17 3.54 -1.38 -6.76
C GLU A 17 2.33 -1.96 -6.02
N ARG A 18 2.50 -3.16 -5.46
CA ARG A 18 1.44 -3.84 -4.69
C ARG A 18 1.67 -3.61 -3.19
N VAL A 19 0.65 -3.15 -2.48
CA VAL A 19 0.75 -2.87 -1.03
C VAL A 19 -0.49 -3.39 -0.31
N LEU A 20 -0.44 -3.33 1.02
CA LEU A 20 -1.55 -3.80 1.87
C LEU A 20 -2.28 -2.60 2.50
N CYS A 21 -3.60 -2.71 2.58
CA CYS A 21 -4.46 -1.65 3.16
C CYS A 21 -5.26 -2.19 4.34
N PHE A 22 -4.96 -1.71 5.54
CA PHE A 22 -5.66 -2.13 6.77
C PHE A 22 -6.66 -1.05 7.21
N HIS A 23 -7.70 -1.46 7.93
CA HIS A 23 -8.72 -0.52 8.40
C HIS A 23 -9.59 -1.19 9.47
N GLY A 24 -9.01 -2.16 10.18
CA GLY A 24 -9.73 -2.88 11.23
C GLY A 24 -8.87 -4.00 11.86
N PRO A 25 -9.46 -5.02 12.41
CA PRO A 25 -8.66 -6.14 13.05
C PRO A 25 -8.04 -7.10 12.01
N LEU A 26 -8.22 -6.80 10.74
CA LEU A 26 -7.68 -7.64 9.62
C LEU A 26 -7.02 -6.76 8.55
N ILE A 27 -6.05 -7.36 7.87
CA ILE A 27 -5.30 -6.69 6.78
C ILE A 27 -5.82 -7.19 5.42
N TYR A 28 -6.08 -6.24 4.53
CA TYR A 28 -6.61 -6.52 3.17
C TYR A 28 -5.58 -6.11 2.10
N GLU A 29 -5.65 -6.77 0.94
CA GLU A 29 -4.73 -6.48 -0.17
C GLU A 29 -5.23 -5.29 -1.00
N ALA A 30 -4.29 -4.50 -1.50
CA ALA A 30 -4.60 -3.32 -2.32
C ALA A 30 -3.46 -3.04 -3.29
N LYS A 31 -3.63 -2.09 -4.20
CA LYS A 31 -2.60 -1.74 -5.20
C LYS A 31 -2.52 -0.23 -5.41
N VAL A 32 -1.30 0.28 -5.59
CA VAL A 32 -1.07 1.71 -5.82
C VAL A 32 -1.17 2.00 -7.32
N LEU A 33 -2.20 2.72 -7.75
CA LEU A 33 -2.37 3.05 -9.19
C LEU A 33 -1.41 4.16 -9.58
N LYS A 34 -1.20 5.11 -8.68
CA LYS A 34 -0.30 6.25 -8.96
C LYS A 34 0.05 6.98 -7.67
N THR A 35 1.09 7.79 -7.72
CA THR A 35 1.55 8.55 -6.53
C THR A 35 2.00 9.95 -6.93
N LYS A 36 1.90 10.88 -5.99
CA LYS A 36 2.33 12.29 -6.25
C LYS A 36 3.60 12.64 -5.44
N PRO A 37 4.79 12.36 -5.92
CA PRO A 37 6.05 12.66 -5.15
C PRO A 37 6.49 14.13 -5.30
N ASP A 38 5.65 14.94 -5.92
CA ASP A 38 5.95 16.36 -6.13
C ASP A 38 5.89 17.14 -4.81
N ALA A 39 5.75 16.44 -3.69
CA ALA A 39 5.69 17.09 -2.37
C ALA A 39 5.96 16.09 -1.24
N THR A 40 6.38 16.61 -0.10
CA THR A 40 6.70 15.77 1.09
C THR A 40 6.28 16.47 2.42
N PRO A 41 5.33 15.99 3.16
CA PRO A 41 4.50 14.74 2.91
C PRO A 41 3.55 14.95 1.73
N VAL A 42 2.75 13.93 1.44
CA VAL A 42 1.79 14.02 0.32
C VAL A 42 0.79 12.87 0.36
N GLU A 43 -0.17 12.87 -0.56
CA GLU A 43 -1.21 11.83 -0.67
C GLU A 43 -0.81 10.79 -1.74
N TYR A 44 -1.47 9.64 -1.67
CA TYR A 44 -1.21 8.53 -2.59
C TYR A 44 -2.54 7.93 -3.11
N TYR A 45 -2.49 7.48 -4.36
CA TYR A 45 -3.72 6.90 -4.99
C TYR A 45 -3.69 5.39 -4.87
N ILE A 46 -4.69 4.85 -4.19
CA ILE A 46 -4.80 3.39 -3.98
C ILE A 46 -6.27 2.96 -4.08
N HIS A 47 -6.48 1.73 -4.54
CA HIS A 47 -7.82 1.14 -4.70
C HIS A 47 -7.78 -0.35 -4.33
N TYR A 48 -8.87 -0.85 -3.74
CA TYR A 48 -8.94 -2.26 -3.34
C TYR A 48 -9.05 -3.15 -4.59
N ALA A 49 -8.23 -4.19 -4.63
CA ALA A 49 -8.22 -5.13 -5.77
C ALA A 49 -9.52 -5.95 -5.82
N GLY A 50 -10.02 -6.20 -7.03
CA GLY A 50 -11.25 -6.97 -7.23
C GLY A 50 -12.49 -6.11 -7.04
N TRP A 51 -12.29 -4.78 -7.05
CA TRP A 51 -13.41 -3.83 -6.87
C TRP A 51 -13.26 -2.65 -7.83
N SER A 52 -14.34 -1.87 -7.96
CA SER A 52 -14.35 -0.69 -8.84
C SER A 52 -13.28 0.32 -8.41
N LYS A 53 -12.50 0.81 -9.36
CA LYS A 53 -11.45 1.79 -9.11
C LYS A 53 -12.01 3.21 -9.05
N ASN A 54 -13.28 3.39 -9.40
CA ASN A 54 -13.94 4.70 -9.39
C ASN A 54 -14.12 5.20 -7.96
N TRP A 55 -13.86 4.34 -6.98
CA TRP A 55 -13.98 4.68 -5.57
C TRP A 55 -12.91 5.71 -5.19
N ASP A 56 -11.78 5.65 -5.87
CA ASP A 56 -10.65 6.57 -5.65
C ASP A 56 -10.34 6.78 -4.15
N GLU A 57 -9.75 5.79 -3.51
CA GLU A 57 -9.41 5.88 -2.07
C GLU A 57 -8.03 6.53 -1.88
N TRP A 58 -8.00 7.84 -1.66
CA TRP A 58 -6.75 8.60 -1.46
C TRP A 58 -6.34 8.47 0.03
N VAL A 59 -5.11 8.08 0.29
CA VAL A 59 -4.62 7.91 1.70
C VAL A 59 -3.13 8.36 1.88
N PRO A 60 -2.77 8.84 3.04
CA PRO A 60 -1.35 9.27 3.31
C PRO A 60 -0.41 8.05 3.54
N GLU A 61 0.88 8.27 3.31
CA GLU A 61 1.89 7.20 3.47
C GLU A 61 1.76 6.51 4.85
N ASN A 62 1.13 7.19 5.80
CA ASN A 62 0.96 6.64 7.15
C ASN A 62 0.07 5.37 7.14
N ARG A 63 -0.99 5.37 6.35
CA ARG A 63 -1.92 4.21 6.27
C ARG A 63 -1.43 3.17 5.25
N VAL A 64 -0.27 3.42 4.64
CA VAL A 64 0.30 2.49 3.62
C VAL A 64 1.38 1.60 4.26
N LEU A 65 1.28 0.31 4.00
CA LEU A 65 2.26 -0.68 4.54
C LEU A 65 2.97 -1.41 3.39
N LYS A 66 4.29 -1.53 3.51
CA LYS A 66 5.09 -2.21 2.48
C LYS A 66 4.74 -3.70 2.42
N TYR A 67 4.81 -4.27 1.22
CA TYR A 67 4.52 -5.70 1.04
C TYR A 67 5.77 -6.52 1.34
N ASN A 68 5.66 -7.40 2.34
CA ASN A 68 6.79 -8.25 2.72
C ASN A 68 6.29 -9.53 3.38
N ASP A 69 7.03 -10.63 3.17
CA ASP A 69 6.66 -11.92 3.74
C ASP A 69 6.32 -11.81 5.23
N ASP A 70 6.90 -10.83 5.93
CA ASP A 70 6.65 -10.63 7.35
C ASP A 70 5.23 -10.05 7.55
N ASN A 71 4.85 -9.07 6.75
CA ASN A 71 3.51 -8.46 6.86
C ASN A 71 2.47 -9.51 6.47
N VAL A 72 2.80 -10.35 5.51
CA VAL A 72 1.90 -11.43 5.07
C VAL A 72 1.75 -12.42 6.23
N LYS A 73 2.87 -12.74 6.88
CA LYS A 73 2.88 -13.66 8.02
C LYS A 73 1.91 -13.17 9.10
N ARG A 74 1.92 -11.86 9.35
CA ARG A 74 1.03 -11.25 10.35
C ARG A 74 -0.44 -11.42 9.93
N ARG A 75 -0.72 -11.27 8.64
CA ARG A 75 -2.09 -11.41 8.11
C ARG A 75 -2.49 -12.87 8.22
N GLN A 76 -1.50 -13.73 7.99
CA GLN A 76 -1.71 -15.18 8.07
C GLN A 76 -2.00 -15.53 9.55
N GLU A 77 -1.28 -14.90 10.47
CA GLU A 77 -1.51 -15.15 11.91
C GLU A 77 -2.93 -14.69 12.27
N LEU A 78 -3.26 -13.46 11.90
CA LEU A 78 -4.59 -12.89 12.16
C LEU A 78 -5.66 -13.74 11.47
N ALA A 79 -5.36 -14.22 10.27
CA ALA A 79 -6.31 -15.06 9.52
C ALA A 79 -6.60 -16.36 10.30
N ARG A 80 -5.55 -17.00 10.80
CA ARG A 80 -5.69 -18.23 11.59
C ARG A 80 -6.42 -17.91 12.90
N GLN A 81 -6.05 -16.79 13.51
CA GLN A 81 -6.65 -16.36 14.76
C GLN A 81 -8.15 -16.08 14.55
N CYS A 82 -8.49 -15.52 13.40
CA CYS A 82 -9.89 -15.19 13.08
C CYS A 82 -10.74 -16.46 13.05
N GLY A 83 -10.20 -17.54 12.49
CA GLY A 83 -10.92 -18.81 12.39
C GLY A 83 -11.17 -19.38 13.79
N GLU A 84 -12.33 -20.00 13.97
CA GLU A 84 -12.69 -20.58 15.27
C GLU A 84 -13.93 -21.47 15.12
N ARG A 85 -14.21 -22.25 16.16
CA ARG A 85 -15.34 -23.17 16.17
C ARG A 85 -15.53 -23.73 17.58
N MET A 1 28.93 4.74 -8.36
CA MET A 1 28.11 5.20 -7.19
C MET A 1 28.46 6.65 -6.87
N ASN A 2 27.85 7.57 -7.59
CA ASN A 2 28.09 9.01 -7.38
C ASN A 2 27.09 9.86 -8.17
N TYR A 3 26.12 9.20 -8.82
CA TYR A 3 25.11 9.89 -9.61
C TYR A 3 24.18 10.70 -8.69
N SER A 4 23.89 11.94 -9.09
CA SER A 4 23.01 12.82 -8.31
C SER A 4 21.58 12.29 -8.32
N THR A 5 20.89 12.42 -7.19
CA THR A 5 19.50 11.95 -7.07
C THR A 5 18.58 12.77 -7.98
N GLY A 6 17.68 12.09 -8.68
CA GLY A 6 16.73 12.76 -9.58
C GLY A 6 15.81 11.75 -10.26
N THR A 7 16.39 10.71 -10.85
CA THR A 7 15.60 9.68 -11.53
C THR A 7 14.73 8.93 -10.52
N ASP A 8 15.31 8.53 -9.41
CA ASP A 8 14.60 7.80 -8.36
C ASP A 8 13.60 8.73 -7.65
N ALA A 9 12.39 8.22 -7.43
CA ALA A 9 11.35 8.99 -6.76
C ALA A 9 11.71 9.22 -5.29
N ASN A 10 11.35 10.38 -4.76
CA ASN A 10 11.64 10.72 -3.36
C ASN A 10 10.88 9.78 -2.42
N THR A 11 9.62 9.49 -2.76
CA THR A 11 8.79 8.60 -1.95
C THR A 11 9.30 7.17 -2.05
N LEU A 12 9.01 6.37 -1.03
CA LEU A 12 9.44 4.96 -0.98
C LEU A 12 8.44 4.07 -1.72
N PHE A 13 7.34 4.66 -2.19
CA PHE A 13 6.28 3.92 -2.91
C PHE A 13 6.15 4.45 -4.35
N VAL A 14 5.91 3.53 -5.29
CA VAL A 14 5.74 3.86 -6.72
C VAL A 14 4.49 3.19 -7.28
N ASP A 15 3.96 3.77 -8.35
CA ASP A 15 2.76 3.25 -9.01
C ASP A 15 3.00 1.85 -9.57
N GLY A 16 1.96 1.01 -9.51
CA GLY A 16 2.03 -0.36 -10.02
C GLY A 16 2.52 -1.32 -8.94
N GLU A 17 3.00 -0.77 -7.83
CA GLU A 17 3.51 -1.57 -6.71
C GLU A 17 2.34 -2.12 -5.87
N ARG A 18 2.49 -3.37 -5.43
CA ARG A 18 1.46 -4.02 -4.60
C ARG A 18 1.70 -3.65 -3.12
N VAL A 19 0.66 -3.21 -2.42
CA VAL A 19 0.75 -2.82 -1.00
C VAL A 19 -0.46 -3.34 -0.22
N LEU A 20 -0.37 -3.23 1.10
CA LEU A 20 -1.45 -3.68 2.00
C LEU A 20 -2.09 -2.48 2.72
N CYS A 21 -3.41 -2.54 2.89
CA CYS A 21 -4.18 -1.46 3.55
C CYS A 21 -5.00 -2.03 4.73
N PHE A 22 -4.66 -1.62 5.94
CA PHE A 22 -5.37 -2.08 7.15
C PHE A 22 -6.49 -1.10 7.50
N HIS A 23 -7.52 -1.61 8.16
CA HIS A 23 -8.68 -0.77 8.56
C HIS A 23 -9.40 -1.40 9.74
N GLY A 24 -8.80 -2.42 10.34
CA GLY A 24 -9.40 -3.11 11.48
C GLY A 24 -8.52 -4.27 11.96
N PRO A 25 -9.00 -5.13 12.83
CA PRO A 25 -8.22 -6.30 13.35
C PRO A 25 -7.67 -7.22 12.22
N LEU A 26 -7.95 -6.87 10.97
CA LEU A 26 -7.49 -7.67 9.80
C LEU A 26 -6.90 -6.77 8.71
N ILE A 27 -5.97 -7.35 7.96
CA ILE A 27 -5.29 -6.66 6.85
C ILE A 27 -5.94 -7.07 5.53
N TYR A 28 -6.07 -6.10 4.63
CA TYR A 28 -6.68 -6.31 3.30
C TYR A 28 -5.68 -5.99 2.18
N GLU A 29 -5.84 -6.66 1.04
CA GLU A 29 -4.95 -6.44 -0.11
C GLU A 29 -5.39 -5.21 -0.92
N ALA A 30 -4.40 -4.46 -1.40
CA ALA A 30 -4.66 -3.25 -2.19
C ALA A 30 -3.49 -2.99 -3.13
N LYS A 31 -3.61 -2.00 -4.02
CA LYS A 31 -2.54 -1.68 -4.99
C LYS A 31 -2.49 -0.16 -5.29
N VAL A 32 -1.29 0.35 -5.48
CA VAL A 32 -1.08 1.78 -5.77
C VAL A 32 -1.20 2.02 -7.29
N LEU A 33 -2.21 2.78 -7.69
CA LEU A 33 -2.43 3.08 -9.13
C LEU A 33 -1.66 4.34 -9.53
N LYS A 34 -1.55 5.30 -8.62
CA LYS A 34 -0.85 6.57 -8.91
C LYS A 34 -0.31 7.18 -7.61
N THR A 35 0.72 8.00 -7.74
CA THR A 35 1.36 8.65 -6.57
C THR A 35 1.80 10.07 -6.93
N LYS A 36 1.73 10.96 -5.96
CA LYS A 36 2.16 12.37 -6.17
C LYS A 36 3.43 12.67 -5.33
N PRO A 37 4.60 12.32 -5.77
CA PRO A 37 5.87 12.58 -4.98
C PRO A 37 6.36 14.03 -5.11
N ASP A 38 5.53 14.89 -5.67
CA ASP A 38 5.87 16.31 -5.87
C ASP A 38 5.95 17.05 -4.53
N ALA A 39 5.72 16.34 -3.43
CA ALA A 39 5.75 16.96 -2.10
C ALA A 39 5.89 15.91 -1.00
N THR A 40 6.33 16.33 0.18
CA THR A 40 6.51 15.42 1.34
C THR A 40 6.10 16.13 2.69
N PRO A 41 5.11 15.67 3.40
CA PRO A 41 4.24 14.46 3.12
C PRO A 41 3.29 14.75 1.95
N VAL A 42 2.51 13.74 1.58
CA VAL A 42 1.56 13.90 0.45
C VAL A 42 0.56 12.74 0.42
N GLU A 43 -0.39 12.80 -0.50
CA GLU A 43 -1.42 11.77 -0.67
C GLU A 43 -1.00 10.76 -1.76
N TYR A 44 -1.63 9.59 -1.73
CA TYR A 44 -1.35 8.50 -2.68
C TYR A 44 -2.65 7.88 -3.21
N TYR A 45 -2.62 7.48 -4.48
CA TYR A 45 -3.82 6.88 -5.13
C TYR A 45 -3.80 5.37 -4.93
N ILE A 46 -4.78 4.87 -4.17
CA ILE A 46 -4.88 3.42 -3.90
C ILE A 46 -6.33 2.98 -3.94
N HIS A 47 -6.56 1.74 -4.36
CA HIS A 47 -7.91 1.16 -4.45
C HIS A 47 -7.85 -0.32 -4.07
N TYR A 48 -8.93 -0.82 -3.48
CA TYR A 48 -9.00 -2.23 -3.06
C TYR A 48 -8.97 -3.16 -4.29
N ALA A 49 -8.20 -4.23 -4.19
CA ALA A 49 -8.05 -5.19 -5.30
C ALA A 49 -9.39 -5.88 -5.60
N GLY A 50 -9.67 -6.10 -6.88
CA GLY A 50 -10.92 -6.75 -7.33
C GLY A 50 -12.08 -5.76 -7.35
N TRP A 51 -11.77 -4.48 -7.50
CA TRP A 51 -12.80 -3.42 -7.55
C TRP A 51 -12.41 -2.32 -8.55
N SER A 52 -13.41 -1.60 -9.02
CA SER A 52 -13.20 -0.51 -9.99
C SER A 52 -12.42 0.63 -9.35
N LYS A 53 -11.76 1.44 -10.18
CA LYS A 53 -10.95 2.59 -9.74
C LYS A 53 -11.83 3.83 -9.51
N ASN A 54 -13.11 3.73 -9.81
CA ASN A 54 -14.05 4.85 -9.65
C ASN A 54 -14.15 5.27 -8.18
N TRP A 55 -13.82 4.35 -7.27
CA TRP A 55 -13.87 4.61 -5.84
C TRP A 55 -12.80 5.64 -5.47
N ASP A 56 -11.66 5.60 -6.17
CA ASP A 56 -10.53 6.52 -5.95
C ASP A 56 -10.31 6.86 -4.46
N GLU A 57 -9.74 5.92 -3.71
CA GLU A 57 -9.50 6.12 -2.27
C GLU A 57 -8.10 6.73 -2.04
N TRP A 58 -8.06 8.04 -1.82
CA TRP A 58 -6.79 8.75 -1.57
C TRP A 58 -6.43 8.61 -0.07
N VAL A 59 -5.20 8.21 0.22
CA VAL A 59 -4.76 8.03 1.64
C VAL A 59 -3.29 8.48 1.88
N PRO A 60 -2.91 8.80 3.09
CA PRO A 60 -1.50 9.22 3.39
C PRO A 60 -0.57 7.98 3.48
N GLU A 61 0.73 8.21 3.31
CA GLU A 61 1.72 7.13 3.38
C GLU A 61 1.61 6.35 4.70
N ASN A 62 0.92 6.93 5.69
CA ASN A 62 0.76 6.31 7.00
C ASN A 62 -0.05 4.99 6.92
N ARG A 63 -1.12 4.99 6.14
CA ARG A 63 -1.98 3.79 5.99
C ARG A 63 -1.39 2.82 4.97
N VAL A 64 -0.25 3.16 4.38
CA VAL A 64 0.41 2.31 3.38
C VAL A 64 1.52 1.47 4.04
N LEU A 65 1.44 0.16 3.84
CA LEU A 65 2.45 -0.78 4.42
C LEU A 65 3.16 -1.54 3.29
N LYS A 66 4.47 -1.65 3.38
CA LYS A 66 5.29 -2.36 2.39
C LYS A 66 4.88 -3.83 2.30
N TYR A 67 4.88 -4.38 1.09
CA TYR A 67 4.51 -5.78 0.88
C TYR A 67 5.74 -6.67 1.10
N ASN A 68 5.66 -7.54 2.10
CA ASN A 68 6.77 -8.45 2.43
C ASN A 68 6.25 -9.71 3.09
N ASP A 69 6.88 -10.84 2.77
CA ASP A 69 6.49 -12.14 3.33
C ASP A 69 6.21 -12.04 4.84
N ASP A 70 6.84 -11.09 5.51
CA ASP A 70 6.66 -10.87 6.96
C ASP A 70 5.29 -10.24 7.23
N ASN A 71 4.92 -9.21 6.48
CA ASN A 71 3.63 -8.54 6.66
C ASN A 71 2.50 -9.51 6.28
N VAL A 72 2.78 -10.36 5.29
CA VAL A 72 1.82 -11.37 4.85
C VAL A 72 1.64 -12.38 5.98
N LYS A 73 2.76 -12.77 6.60
CA LYS A 73 2.75 -13.72 7.71
C LYS A 73 1.86 -13.19 8.84
N ARG A 74 1.93 -11.89 9.11
CA ARG A 74 1.11 -11.27 10.16
C ARG A 74 -0.38 -11.44 9.80
N ARG A 75 -0.71 -11.33 8.52
CA ARG A 75 -2.09 -11.50 8.07
C ARG A 75 -2.51 -12.95 8.28
N GLN A 76 -1.58 -13.87 8.04
CA GLN A 76 -1.84 -15.30 8.23
C GLN A 76 -2.05 -15.56 9.73
N GLU A 77 -1.24 -14.93 10.57
CA GLU A 77 -1.38 -15.07 12.03
C GLU A 77 -2.77 -14.57 12.45
N LEU A 78 -3.12 -13.37 12.01
CA LEU A 78 -4.42 -12.76 12.30
C LEU A 78 -5.54 -13.63 11.74
N ALA A 79 -5.33 -14.19 10.54
CA ALA A 79 -6.32 -15.06 9.90
C ALA A 79 -6.60 -16.29 10.78
N ARG A 80 -5.53 -16.88 11.32
CA ARG A 80 -5.67 -18.05 12.20
C ARG A 80 -6.31 -17.63 13.51
N GLN A 81 -5.91 -16.47 14.02
CA GLN A 81 -6.45 -15.94 15.28
C GLN A 81 -7.99 -15.81 15.18
N CYS A 82 -8.47 -15.32 14.04
CA CYS A 82 -9.90 -15.15 13.81
C CYS A 82 -10.59 -16.52 13.75
N GLY A 83 -9.86 -17.54 13.31
CA GLY A 83 -10.39 -18.90 13.21
C GLY A 83 -11.20 -19.07 11.92
N GLU A 84 -11.77 -20.26 11.73
CA GLU A 84 -12.56 -20.57 10.54
C GLU A 84 -13.91 -19.87 10.59
N ARG A 85 -14.18 -19.19 11.70
CA ARG A 85 -15.44 -18.47 11.90
C ARG A 85 -16.65 -19.39 11.68
N MET A 1 12.96 4.34 -21.06
CA MET A 1 14.44 4.46 -21.03
C MET A 1 14.85 5.06 -19.68
N ASN A 2 14.95 4.22 -18.66
CA ASN A 2 15.34 4.67 -17.31
C ASN A 2 16.80 5.15 -17.31
N TYR A 3 17.02 6.38 -16.84
CA TYR A 3 18.37 6.94 -16.77
C TYR A 3 19.26 6.14 -15.82
N SER A 4 18.70 5.76 -14.68
CA SER A 4 19.43 4.98 -13.67
C SER A 4 18.45 4.30 -12.70
N THR A 5 18.97 3.39 -11.89
CA THR A 5 18.15 2.66 -10.92
C THR A 5 17.55 3.61 -9.89
N GLY A 6 18.34 4.61 -9.49
CA GLY A 6 17.89 5.60 -8.50
C GLY A 6 16.81 6.50 -9.08
N THR A 7 15.55 6.11 -8.91
CA THR A 7 14.41 6.88 -9.42
C THR A 7 14.32 8.24 -8.70
N ASP A 8 13.90 9.26 -9.45
CA ASP A 8 13.78 10.61 -8.89
C ASP A 8 12.71 10.66 -7.80
N ALA A 9 11.91 9.60 -7.71
CA ALA A 9 10.84 9.52 -6.71
C ALA A 9 11.44 9.51 -5.29
N ASN A 10 11.32 10.62 -4.58
CA ASN A 10 11.84 10.73 -3.20
C ASN A 10 11.10 9.75 -2.28
N THR A 11 9.80 9.59 -2.51
CA THR A 11 8.99 8.68 -1.70
C THR A 11 9.47 7.24 -1.87
N LEU A 12 9.18 6.41 -0.88
CA LEU A 12 9.59 4.99 -0.90
C LEU A 12 8.56 4.15 -1.66
N PHE A 13 7.51 4.79 -2.17
CA PHE A 13 6.43 4.12 -2.93
C PHE A 13 6.38 4.65 -4.38
N VAL A 14 6.14 3.73 -5.31
CA VAL A 14 6.05 4.05 -6.76
C VAL A 14 4.85 3.36 -7.40
N ASP A 15 4.44 3.87 -8.55
CA ASP A 15 3.30 3.34 -9.30
C ASP A 15 3.57 1.90 -9.77
N GLY A 16 2.52 1.08 -9.77
CA GLY A 16 2.61 -0.32 -10.19
C GLY A 16 3.00 -1.22 -9.03
N GLU A 17 3.49 -0.63 -7.94
CA GLU A 17 3.89 -1.39 -6.76
C GLU A 17 2.67 -1.96 -6.02
N ARG A 18 2.79 -3.20 -5.56
CA ARG A 18 1.69 -3.87 -4.82
C ARG A 18 1.89 -3.63 -3.32
N VAL A 19 0.85 -3.14 -2.65
CA VAL A 19 0.91 -2.85 -1.19
C VAL A 19 -0.36 -3.36 -0.51
N LEU A 20 -0.31 -3.39 0.81
CA LEU A 20 -1.44 -3.85 1.63
C LEU A 20 -2.15 -2.66 2.28
N CYS A 21 -3.47 -2.76 2.41
CA CYS A 21 -4.30 -1.69 3.01
C CYS A 21 -5.14 -2.25 4.17
N PHE A 22 -4.85 -1.78 5.38
CA PHE A 22 -5.57 -2.22 6.58
C PHE A 22 -6.66 -1.20 6.94
N HIS A 23 -7.67 -1.65 7.67
CA HIS A 23 -8.79 -0.76 8.07
C HIS A 23 -9.62 -1.41 9.18
N GLY A 24 -9.05 -2.44 9.81
CA GLY A 24 -9.72 -3.15 10.89
C GLY A 24 -8.86 -4.29 11.44
N PRO A 25 -9.41 -5.17 12.24
CA PRO A 25 -8.62 -6.32 12.83
C PRO A 25 -8.06 -7.28 11.75
N LEU A 26 -8.12 -6.88 10.49
CA LEU A 26 -7.61 -7.73 9.38
C LEU A 26 -7.05 -6.88 8.24
N ILE A 27 -5.94 -7.36 7.67
CA ILE A 27 -5.27 -6.68 6.56
C ILE A 27 -5.89 -7.12 5.22
N TYR A 28 -5.86 -6.22 4.25
CA TYR A 28 -6.42 -6.51 2.90
C TYR A 28 -5.42 -6.13 1.81
N GLU A 29 -5.61 -6.72 0.62
CA GLU A 29 -4.72 -6.48 -0.52
C GLU A 29 -5.14 -5.23 -1.29
N ALA A 30 -4.14 -4.46 -1.73
CA ALA A 30 -4.36 -3.22 -2.49
C ALA A 30 -3.23 -3.02 -3.48
N LYS A 31 -3.37 -2.03 -4.37
CA LYS A 31 -2.33 -1.73 -5.39
C LYS A 31 -2.18 -0.22 -5.60
N VAL A 32 -0.97 0.21 -5.90
CA VAL A 32 -0.66 1.62 -6.14
C VAL A 32 -0.81 1.94 -7.64
N LEU A 33 -1.84 2.72 -7.98
CA LEU A 33 -2.11 3.08 -9.38
C LEU A 33 -1.28 4.30 -9.76
N LYS A 34 -1.08 5.21 -8.81
CA LYS A 34 -0.32 6.44 -9.07
C LYS A 34 0.17 7.04 -7.75
N THR A 35 1.27 7.77 -7.83
CA THR A 35 1.88 8.43 -6.65
C THR A 35 2.25 9.87 -6.94
N LYS A 36 2.11 10.73 -5.94
CA LYS A 36 2.47 12.15 -6.10
C LYS A 36 3.68 12.50 -5.19
N PRO A 37 4.89 12.22 -5.57
CA PRO A 37 6.10 12.53 -4.73
C PRO A 37 6.55 13.99 -4.88
N ASP A 38 5.76 14.81 -5.55
CA ASP A 38 6.09 16.22 -5.77
C ASP A 38 6.06 17.01 -4.46
N ALA A 39 5.65 16.34 -3.37
CA ALA A 39 5.57 16.99 -2.04
C ALA A 39 5.79 15.98 -0.91
N THR A 40 6.17 16.50 0.26
CA THR A 40 6.43 15.65 1.45
C THR A 40 5.97 16.37 2.78
N PRO A 41 4.98 15.89 3.48
CA PRO A 41 4.15 14.65 3.21
C PRO A 41 3.28 14.86 1.98
N VAL A 42 2.52 13.83 1.62
CA VAL A 42 1.63 13.91 0.45
C VAL A 42 0.67 12.74 0.42
N GLU A 43 -0.27 12.75 -0.54
CA GLU A 43 -1.28 11.70 -0.73
C GLU A 43 -0.79 10.72 -1.82
N TYR A 44 -1.42 9.55 -1.83
CA TYR A 44 -1.10 8.48 -2.79
C TYR A 44 -2.39 7.87 -3.36
N TYR A 45 -2.24 7.30 -4.55
CA TYR A 45 -3.38 6.67 -5.27
C TYR A 45 -3.41 5.16 -5.00
N ILE A 46 -4.27 4.77 -4.06
CA ILE A 46 -4.45 3.36 -3.65
C ILE A 46 -5.83 2.85 -4.11
N HIS A 47 -5.89 1.56 -4.45
CA HIS A 47 -7.13 0.89 -4.89
C HIS A 47 -7.42 -0.30 -4.00
N TYR A 48 -8.65 -0.37 -3.50
CA TYR A 48 -9.07 -1.47 -2.61
C TYR A 48 -9.49 -2.69 -3.46
N ALA A 49 -8.84 -3.82 -3.22
CA ALA A 49 -9.13 -5.06 -3.94
C ALA A 49 -10.56 -5.54 -3.64
N GLY A 50 -11.19 -6.18 -4.61
CA GLY A 50 -12.56 -6.71 -4.47
C GLY A 50 -13.60 -5.65 -4.82
N TRP A 51 -13.16 -4.49 -5.30
CA TRP A 51 -14.08 -3.39 -5.69
C TRP A 51 -13.56 -2.66 -6.92
N SER A 52 -14.46 -1.92 -7.58
CA SER A 52 -14.11 -1.17 -8.78
C SER A 52 -13.10 -0.07 -8.45
N LYS A 53 -12.50 0.52 -9.49
CA LYS A 53 -11.51 1.59 -9.33
C LYS A 53 -12.18 2.95 -9.14
N ASN A 54 -13.49 3.02 -9.35
CA ASN A 54 -14.24 4.28 -9.19
C ASN A 54 -14.25 4.73 -7.73
N TRP A 55 -13.93 3.82 -6.83
CA TRP A 55 -13.88 4.11 -5.40
C TRP A 55 -12.75 5.09 -5.10
N ASP A 56 -11.67 4.99 -5.86
CA ASP A 56 -10.48 5.86 -5.71
C ASP A 56 -10.10 6.12 -4.26
N GLU A 57 -9.50 5.13 -3.59
CA GLU A 57 -9.12 5.28 -2.19
C GLU A 57 -7.83 6.09 -2.08
N TRP A 58 -7.97 7.41 -1.90
CA TRP A 58 -6.82 8.33 -1.75
C TRP A 58 -6.46 8.42 -0.25
N VAL A 59 -5.25 8.03 0.11
CA VAL A 59 -4.82 8.07 1.54
C VAL A 59 -3.30 8.39 1.71
N PRO A 60 -2.90 8.97 2.81
CA PRO A 60 -1.44 9.30 3.06
C PRO A 60 -0.59 8.05 3.29
N GLU A 61 0.72 8.20 3.18
CA GLU A 61 1.66 7.09 3.36
C GLU A 61 1.41 6.37 4.70
N ASN A 62 0.82 7.08 5.65
CA ASN A 62 0.53 6.51 6.98
C ASN A 62 -0.36 5.26 6.88
N ARG A 63 -1.35 5.28 6.00
CA ARG A 63 -2.27 4.13 5.83
C ARG A 63 -1.68 3.10 4.85
N VAL A 64 -0.52 3.39 4.27
CA VAL A 64 0.13 2.48 3.29
C VAL A 64 1.17 1.61 3.99
N LEU A 65 1.07 0.30 3.83
CA LEU A 65 2.02 -0.66 4.44
C LEU A 65 2.83 -1.34 3.35
N LYS A 66 4.14 -1.42 3.56
CA LYS A 66 5.05 -2.06 2.59
C LYS A 66 4.77 -3.55 2.50
N TYR A 67 4.92 -4.11 1.30
CA TYR A 67 4.69 -5.54 1.08
C TYR A 67 5.96 -6.32 1.44
N ASN A 68 5.84 -7.23 2.40
CA ASN A 68 6.99 -8.05 2.84
C ASN A 68 6.51 -9.36 3.44
N ASP A 69 7.34 -10.39 3.32
CA ASP A 69 7.01 -11.71 3.85
C ASP A 69 6.54 -11.63 5.31
N ASP A 70 7.06 -10.68 6.07
CA ASP A 70 6.67 -10.51 7.48
C ASP A 70 5.26 -9.93 7.57
N ASN A 71 4.94 -8.96 6.74
CA ASN A 71 3.60 -8.35 6.73
C ASN A 71 2.58 -9.40 6.29
N VAL A 72 2.98 -10.25 5.35
CA VAL A 72 2.11 -11.34 4.87
C VAL A 72 1.91 -12.32 6.03
N LYS A 73 3.00 -12.68 6.69
CA LYS A 73 2.96 -13.61 7.82
C LYS A 73 1.96 -13.10 8.88
N ARG A 74 1.93 -11.80 9.11
CA ARG A 74 1.00 -11.19 10.07
C ARG A 74 -0.43 -11.38 9.57
N ARG A 75 -0.63 -11.30 8.26
CA ARG A 75 -1.97 -11.47 7.67
C ARG A 75 -2.38 -12.94 7.85
N GLN A 76 -1.42 -13.85 7.71
CA GLN A 76 -1.68 -15.29 7.87
C GLN A 76 -2.06 -15.55 9.34
N GLU A 77 -1.41 -14.85 10.26
CA GLU A 77 -1.72 -14.99 11.70
C GLU A 77 -3.14 -14.46 11.95
N LEU A 78 -3.37 -13.21 11.54
CA LEU A 78 -4.68 -12.57 11.70
C LEU A 78 -5.76 -13.41 10.99
N ALA A 79 -5.43 -13.99 9.85
CA ALA A 79 -6.38 -14.82 9.09
C ALA A 79 -6.75 -16.04 9.90
N ARG A 80 -5.74 -16.62 10.54
CA ARG A 80 -5.93 -17.80 11.38
C ARG A 80 -6.72 -17.42 12.62
N GLN A 81 -6.41 -16.24 13.18
CA GLN A 81 -7.09 -15.76 14.39
C GLN A 81 -8.59 -15.62 14.13
N CYS A 82 -8.97 -14.87 13.10
CA CYS A 82 -10.37 -14.67 12.75
C CYS A 82 -11.00 -15.99 12.30
N GLY A 83 -10.19 -16.88 11.74
CA GLY A 83 -10.66 -18.19 11.27
C GLY A 83 -11.40 -18.04 9.95
N GLU A 84 -11.57 -19.16 9.24
CA GLU A 84 -12.26 -19.16 7.95
C GLU A 84 -13.72 -18.75 8.13
N ARG A 85 -14.33 -19.24 9.20
CA ARG A 85 -15.73 -18.93 9.51
C ARG A 85 -15.89 -17.43 9.79
N MET A 1 26.47 8.69 -10.59
CA MET A 1 27.12 9.84 -11.26
C MET A 1 26.40 10.11 -12.58
N ASN A 2 25.22 9.52 -12.74
CA ASN A 2 24.43 9.70 -13.96
C ASN A 2 23.73 11.07 -13.95
N TYR A 3 24.41 12.09 -14.43
CA TYR A 3 23.86 13.46 -14.47
C TYR A 3 23.32 13.88 -13.09
N SER A 4 22.62 15.01 -13.05
CA SER A 4 22.05 15.52 -11.80
C SER A 4 20.96 14.57 -11.29
N THR A 5 20.82 14.49 -9.97
CA THR A 5 19.82 13.62 -9.35
C THR A 5 18.40 14.11 -9.68
N GLY A 6 17.50 13.17 -9.92
CA GLY A 6 16.11 13.51 -10.25
C GLY A 6 15.29 12.25 -10.52
N THR A 7 15.95 11.16 -10.87
CA THR A 7 15.27 9.89 -11.15
C THR A 7 14.60 9.38 -9.89
N ASP A 8 15.16 9.74 -8.75
CA ASP A 8 14.62 9.32 -7.45
C ASP A 8 13.20 9.87 -7.23
N ALA A 9 12.22 8.97 -7.19
CA ALA A 9 10.82 9.37 -6.98
C ALA A 9 10.59 9.81 -5.53
N ASN A 10 11.67 10.02 -4.79
CA ASN A 10 11.60 10.44 -3.38
C ASN A 10 10.82 9.43 -2.54
N THR A 11 9.51 9.40 -2.71
CA THR A 11 8.66 8.46 -1.97
C THR A 11 9.04 7.01 -2.30
N LEU A 12 8.95 6.14 -1.30
CA LEU A 12 9.30 4.72 -1.47
C LEU A 12 8.16 3.97 -2.17
N PHE A 13 7.07 4.66 -2.48
CA PHE A 13 5.89 4.06 -3.15
C PHE A 13 5.90 4.36 -4.66
N VAL A 14 6.08 3.31 -5.46
CA VAL A 14 6.12 3.44 -6.94
C VAL A 14 4.79 2.98 -7.54
N ASP A 15 4.35 3.66 -8.59
CA ASP A 15 3.09 3.34 -9.26
C ASP A 15 3.12 1.91 -9.86
N GLY A 16 2.01 1.20 -9.72
CA GLY A 16 1.87 -0.17 -10.23
C GLY A 16 2.40 -1.18 -9.22
N GLU A 17 2.86 -0.69 -8.07
CA GLU A 17 3.41 -1.55 -7.01
C GLU A 17 2.29 -2.10 -6.12
N ARG A 18 2.35 -3.38 -5.80
CA ARG A 18 1.36 -4.03 -4.94
C ARG A 18 1.68 -3.72 -3.47
N VAL A 19 0.69 -3.21 -2.74
CA VAL A 19 0.84 -2.85 -1.31
C VAL A 19 -0.31 -3.40 -0.49
N LEU A 20 -0.20 -3.24 0.82
CA LEU A 20 -1.22 -3.72 1.77
C LEU A 20 -1.79 -2.54 2.58
N CYS A 21 -3.07 -2.63 2.90
CA CYS A 21 -3.78 -1.59 3.68
C CYS A 21 -4.55 -2.23 4.83
N PHE A 22 -4.37 -1.68 6.03
CA PHE A 22 -5.04 -2.22 7.22
C PHE A 22 -6.56 -2.18 7.07
N HIS A 23 -7.07 -1.00 6.74
CA HIS A 23 -8.51 -0.78 6.54
C HIS A 23 -9.30 -1.23 7.79
N GLY A 24 -8.57 -1.43 8.87
CA GLY A 24 -9.17 -1.88 10.16
C GLY A 24 -8.22 -2.80 10.94
N PRO A 25 -8.68 -3.41 12.01
CA PRO A 25 -7.81 -4.34 12.83
C PRO A 25 -7.18 -5.48 12.00
N LEU A 26 -7.48 -5.54 10.71
CA LEU A 26 -6.95 -6.62 9.82
C LEU A 26 -6.18 -6.01 8.64
N ILE A 27 -5.74 -6.88 7.74
CA ILE A 27 -4.97 -6.45 6.53
C ILE A 27 -5.66 -6.97 5.27
N TYR A 28 -5.66 -6.14 4.23
CA TYR A 28 -6.30 -6.45 2.93
C TYR A 28 -5.35 -6.17 1.77
N GLU A 29 -5.62 -6.79 0.63
CA GLU A 29 -4.79 -6.61 -0.58
C GLU A 29 -5.21 -5.35 -1.35
N ALA A 30 -4.23 -4.53 -1.72
CA ALA A 30 -4.47 -3.28 -2.47
C ALA A 30 -3.30 -3.01 -3.40
N LYS A 31 -3.41 -1.99 -4.24
CA LYS A 31 -2.34 -1.64 -5.20
C LYS A 31 -2.30 -0.12 -5.45
N VAL A 32 -1.09 0.38 -5.71
CA VAL A 32 -0.89 1.82 -5.98
C VAL A 32 -0.98 2.08 -7.48
N LEU A 33 -2.00 2.83 -7.90
CA LEU A 33 -2.19 3.16 -9.33
C LEU A 33 -1.45 4.43 -9.67
N LYS A 34 -1.35 5.35 -8.72
CA LYS A 34 -0.68 6.64 -8.95
C LYS A 34 -0.17 7.21 -7.63
N THR A 35 0.98 7.87 -7.69
CA THR A 35 1.60 8.48 -6.49
C THR A 35 2.00 9.93 -6.78
N LYS A 36 1.87 10.77 -5.76
CA LYS A 36 2.24 12.20 -5.91
C LYS A 36 3.44 12.54 -4.99
N PRO A 37 4.67 12.39 -5.44
CA PRO A 37 5.87 12.69 -4.58
C PRO A 37 6.26 14.17 -4.62
N ASP A 38 5.35 15.02 -5.06
CA ASP A 38 5.60 16.47 -5.15
C ASP A 38 5.51 17.15 -3.77
N ALA A 39 5.42 16.34 -2.71
CA ALA A 39 5.32 16.87 -1.34
C ALA A 39 5.75 15.83 -0.30
N THR A 40 6.07 16.30 0.90
CA THR A 40 6.53 15.42 2.01
C THR A 40 5.99 15.93 3.39
N PRO A 41 5.04 15.28 4.02
CA PRO A 41 4.32 14.03 3.58
C PRO A 41 3.44 14.30 2.36
N VAL A 42 2.62 13.32 2.01
CA VAL A 42 1.72 13.46 0.86
C VAL A 42 0.67 12.34 0.85
N GLU A 43 -0.08 12.24 -0.24
CA GLU A 43 -1.14 11.23 -0.43
C GLU A 43 -0.76 10.30 -1.61
N TYR A 44 -1.40 9.13 -1.61
CA TYR A 44 -1.15 8.11 -2.65
C TYR A 44 -2.48 7.55 -3.17
N TYR A 45 -2.48 7.22 -4.47
CA TYR A 45 -3.70 6.69 -5.09
C TYR A 45 -3.79 5.18 -4.87
N ILE A 46 -4.61 4.79 -3.90
CA ILE A 46 -4.84 3.38 -3.53
C ILE A 46 -6.25 2.96 -3.97
N HIS A 47 -6.34 1.74 -4.49
CA HIS A 47 -7.61 1.16 -4.93
C HIS A 47 -7.62 -0.35 -4.59
N TYR A 48 -8.76 -0.82 -4.09
CA TYR A 48 -8.91 -2.23 -3.72
C TYR A 48 -8.99 -3.11 -4.99
N ALA A 49 -8.18 -4.16 -5.03
CA ALA A 49 -8.14 -5.07 -6.17
C ALA A 49 -9.41 -5.94 -6.22
N GLY A 50 -9.85 -6.29 -7.42
CA GLY A 50 -11.05 -7.13 -7.62
C GLY A 50 -12.33 -6.31 -7.47
N TRP A 51 -12.21 -4.99 -7.56
CA TRP A 51 -13.37 -4.08 -7.42
C TRP A 51 -13.27 -2.92 -8.41
N SER A 52 -14.32 -2.11 -8.46
CA SER A 52 -14.36 -0.95 -9.35
C SER A 52 -13.28 0.06 -9.00
N LYS A 53 -12.68 0.68 -10.01
CA LYS A 53 -11.61 1.67 -9.83
C LYS A 53 -12.19 3.05 -9.52
N ASN A 54 -13.52 3.20 -9.64
CA ASN A 54 -14.18 4.47 -9.38
C ASN A 54 -14.17 4.80 -7.89
N TRP A 55 -13.64 3.89 -7.08
CA TRP A 55 -13.56 4.06 -5.63
C TRP A 55 -12.64 5.23 -5.31
N ASP A 56 -11.58 5.39 -6.09
CA ASP A 56 -10.59 6.50 -5.94
C ASP A 56 -10.41 6.96 -4.48
N GLU A 57 -9.65 6.21 -3.68
CA GLU A 57 -9.43 6.57 -2.25
C GLU A 57 -7.98 6.96 -2.00
N TRP A 58 -7.75 8.23 -1.70
CA TRP A 58 -6.42 8.78 -1.41
C TRP A 58 -6.13 8.57 0.09
N VAL A 59 -4.92 8.10 0.41
CA VAL A 59 -4.55 7.84 1.84
C VAL A 59 -3.07 8.24 2.14
N PRO A 60 -2.76 8.66 3.35
CA PRO A 60 -1.35 9.04 3.71
C PRO A 60 -0.46 7.79 3.88
N GLU A 61 0.84 7.96 3.68
CA GLU A 61 1.82 6.87 3.82
C GLU A 61 1.65 6.13 5.16
N ASN A 62 1.02 6.79 6.13
CA ASN A 62 0.79 6.20 7.45
C ASN A 62 -0.12 4.97 7.39
N ARG A 63 -1.18 5.04 6.59
CA ARG A 63 -2.15 3.92 6.45
C ARG A 63 -1.73 2.94 5.36
N VAL A 64 -0.63 3.23 4.66
CA VAL A 64 -0.12 2.34 3.59
C VAL A 64 1.01 1.46 4.14
N LEU A 65 0.90 0.16 3.88
CA LEU A 65 1.93 -0.82 4.34
C LEU A 65 2.54 -1.54 3.14
N LYS A 66 3.87 -1.65 3.13
CA LYS A 66 4.58 -2.31 2.04
C LYS A 66 4.30 -3.80 2.05
N TYR A 67 4.51 -4.44 0.90
CA TYR A 67 4.27 -5.88 0.76
C TYR A 67 5.55 -6.64 1.13
N ASN A 68 5.46 -7.52 2.11
CA ASN A 68 6.62 -8.31 2.56
C ASN A 68 6.17 -9.62 3.20
N ASP A 69 6.97 -10.66 3.01
CA ASP A 69 6.67 -11.98 3.58
C ASP A 69 6.24 -11.88 5.06
N ASP A 70 6.74 -10.86 5.76
CA ASP A 70 6.42 -10.65 7.18
C ASP A 70 5.00 -10.11 7.31
N ASN A 71 4.63 -9.13 6.50
CA ASN A 71 3.28 -8.55 6.54
C ASN A 71 2.25 -9.62 6.19
N VAL A 72 2.61 -10.46 5.22
CA VAL A 72 1.74 -11.57 4.80
C VAL A 72 1.61 -12.53 5.99
N LYS A 73 2.73 -12.82 6.65
CA LYS A 73 2.76 -13.72 7.81
C LYS A 73 1.84 -13.15 8.92
N ARG A 74 1.89 -11.84 9.11
CA ARG A 74 1.06 -11.17 10.12
C ARG A 74 -0.43 -11.31 9.76
N ARG A 75 -0.75 -11.17 8.47
CA ARG A 75 -2.14 -11.30 8.00
C ARG A 75 -2.59 -12.72 8.22
N GLN A 76 -1.68 -13.65 7.96
CA GLN A 76 -1.93 -15.06 8.12
C GLN A 76 -2.10 -15.35 9.63
N GLU A 77 -1.32 -14.65 10.44
CA GLU A 77 -1.39 -14.81 11.90
C GLU A 77 -2.75 -14.29 12.39
N LEU A 78 -3.06 -13.06 12.00
CA LEU A 78 -4.32 -12.41 12.37
C LEU A 78 -5.51 -13.23 11.81
N ALA A 79 -5.36 -13.72 10.58
CA ALA A 79 -6.41 -14.52 9.93
C ALA A 79 -6.61 -15.82 10.68
N ARG A 80 -5.51 -16.35 11.22
CA ARG A 80 -5.54 -17.59 11.99
C ARG A 80 -6.17 -17.32 13.35
N GLN A 81 -5.74 -16.24 13.99
CA GLN A 81 -6.25 -15.85 15.31
C GLN A 81 -7.68 -15.30 15.18
N CYS A 82 -8.13 -15.07 13.95
CA CYS A 82 -9.48 -14.55 13.71
C CYS A 82 -10.53 -15.50 14.27
N GLY A 83 -10.22 -16.80 14.28
CA GLY A 83 -11.13 -17.81 14.80
C GLY A 83 -10.44 -19.18 14.86
N GLU A 84 -10.76 -19.96 15.88
CA GLU A 84 -10.17 -21.28 16.06
C GLU A 84 -10.56 -22.21 14.90
N ARG A 85 -9.62 -23.04 14.47
CA ARG A 85 -9.85 -24.00 13.37
C ARG A 85 -10.37 -23.28 12.11
N MET A 1 22.18 -3.71 -8.03
CA MET A 1 23.16 -2.63 -8.29
C MET A 1 22.46 -1.28 -8.09
N ASN A 2 21.33 -1.09 -8.77
CA ASN A 2 20.56 0.16 -8.65
C ASN A 2 20.01 0.31 -7.24
N TYR A 3 19.65 1.53 -6.87
CA TYR A 3 19.10 1.83 -5.54
C TYR A 3 18.18 3.05 -5.60
N SER A 4 17.27 3.13 -4.64
CA SER A 4 16.31 4.24 -4.57
C SER A 4 16.95 5.46 -3.88
N THR A 5 16.44 5.85 -2.72
CA THR A 5 16.97 6.99 -1.97
C THR A 5 17.14 8.22 -2.88
N GLY A 6 16.12 9.05 -2.94
CA GLY A 6 16.14 10.27 -3.79
C GLY A 6 16.01 9.91 -5.27
N THR A 7 16.80 8.94 -5.73
CA THR A 7 16.76 8.52 -7.14
C THR A 7 15.41 7.90 -7.49
N ASP A 8 14.82 8.35 -8.60
CA ASP A 8 13.52 7.82 -9.06
C ASP A 8 12.47 7.91 -7.95
N ALA A 9 11.65 8.97 -7.99
CA ALA A 9 10.60 9.17 -6.98
C ALA A 9 11.19 9.22 -5.55
N ASN A 10 11.08 10.37 -4.90
CA ASN A 10 11.61 10.53 -3.54
C ASN A 10 10.89 9.59 -2.57
N THR A 11 9.58 9.44 -2.75
CA THR A 11 8.78 8.56 -1.89
C THR A 11 9.24 7.11 -2.04
N LEU A 12 8.96 6.30 -1.02
CA LEU A 12 9.36 4.88 -1.02
C LEU A 12 8.30 4.03 -1.72
N PHE A 13 7.22 4.67 -2.16
CA PHE A 13 6.11 3.97 -2.87
C PHE A 13 5.99 4.48 -4.30
N VAL A 14 5.81 3.55 -5.23
CA VAL A 14 5.66 3.87 -6.67
C VAL A 14 4.45 3.15 -7.27
N ASP A 15 3.90 3.74 -8.33
CA ASP A 15 2.73 3.20 -9.01
C ASP A 15 3.04 1.83 -9.63
N GLY A 16 2.03 0.95 -9.66
CA GLY A 16 2.17 -0.40 -10.23
C GLY A 16 2.64 -1.37 -9.16
N GLU A 17 3.13 -0.86 -8.03
CA GLU A 17 3.61 -1.71 -6.93
C GLU A 17 2.43 -2.26 -6.12
N ARG A 18 2.58 -3.49 -5.66
CA ARG A 18 1.54 -4.15 -4.85
C ARG A 18 1.74 -3.78 -3.38
N VAL A 19 0.66 -3.39 -2.70
CA VAL A 19 0.73 -3.00 -1.28
C VAL A 19 -0.46 -3.57 -0.53
N LEU A 20 -0.38 -3.51 0.80
CA LEU A 20 -1.44 -4.02 1.68
C LEU A 20 -2.08 -2.86 2.46
N CYS A 21 -3.37 -2.99 2.71
CA CYS A 21 -4.14 -1.96 3.46
C CYS A 21 -4.81 -2.59 4.67
N PHE A 22 -4.57 -2.03 5.86
CA PHE A 22 -5.16 -2.56 7.09
C PHE A 22 -6.69 -2.63 6.99
N HIS A 23 -7.31 -1.47 6.78
CA HIS A 23 -8.78 -1.36 6.65
C HIS A 23 -9.47 -2.20 7.73
N GLY A 24 -9.30 -1.81 8.99
CA GLY A 24 -9.89 -2.52 10.14
C GLY A 24 -8.83 -3.35 10.90
N PRO A 25 -9.21 -4.13 11.88
CA PRO A 25 -8.22 -4.95 12.67
C PRO A 25 -7.55 -6.07 11.86
N LEU A 26 -7.69 -6.02 10.54
CA LEU A 26 -7.11 -7.06 9.62
C LEU A 26 -6.28 -6.40 8.51
N ILE A 27 -5.80 -7.24 7.61
CA ILE A 27 -4.97 -6.78 6.45
C ILE A 27 -5.60 -7.29 5.13
N TYR A 28 -5.73 -6.38 4.17
CA TYR A 28 -6.31 -6.69 2.85
C TYR A 28 -5.34 -6.32 1.73
N GLU A 29 -5.53 -6.93 0.56
CA GLU A 29 -4.67 -6.67 -0.61
C GLU A 29 -5.14 -5.44 -1.38
N ALA A 30 -4.19 -4.61 -1.78
CA ALA A 30 -4.47 -3.38 -2.55
C ALA A 30 -3.29 -3.09 -3.46
N LYS A 31 -3.45 -2.10 -4.33
CA LYS A 31 -2.38 -1.71 -5.29
C LYS A 31 -2.30 -0.19 -5.43
N VAL A 32 -1.12 0.31 -5.80
CA VAL A 32 -0.90 1.75 -5.98
C VAL A 32 -1.06 2.10 -7.48
N LEU A 33 -2.15 2.78 -7.81
CA LEU A 33 -2.41 3.18 -9.22
C LEU A 33 -1.61 4.42 -9.58
N LYS A 34 -1.57 5.38 -8.66
CA LYS A 34 -0.87 6.65 -8.89
C LYS A 34 -0.32 7.20 -7.56
N THR A 35 0.69 8.05 -7.66
CA THR A 35 1.32 8.66 -6.48
C THR A 35 1.75 10.09 -6.78
N LYS A 36 1.69 10.94 -5.76
CA LYS A 36 2.10 12.36 -5.93
C LYS A 36 3.38 12.65 -5.11
N PRO A 37 4.55 12.35 -5.58
CA PRO A 37 5.82 12.60 -4.80
C PRO A 37 6.30 14.05 -4.90
N ASP A 38 5.47 14.93 -5.46
CA ASP A 38 5.81 16.35 -5.61
C ASP A 38 5.84 17.06 -4.25
N ALA A 39 5.63 16.31 -3.18
CA ALA A 39 5.62 16.89 -1.82
C ALA A 39 5.83 15.81 -0.75
N THR A 40 6.27 16.24 0.43
CA THR A 40 6.51 15.31 1.57
C THR A 40 6.12 15.96 2.93
N PRO A 41 5.15 15.46 3.66
CA PRO A 41 4.30 14.25 3.35
C PRO A 41 3.33 14.54 2.20
N VAL A 42 2.55 13.53 1.84
CA VAL A 42 1.59 13.69 0.72
C VAL A 42 0.61 12.54 0.69
N GLU A 43 -0.37 12.61 -0.21
CA GLU A 43 -1.39 11.57 -0.38
C GLU A 43 -0.97 10.62 -1.53
N TYR A 44 -1.60 9.45 -1.54
CA TYR A 44 -1.33 8.42 -2.55
C TYR A 44 -2.63 7.82 -3.08
N TYR A 45 -2.61 7.45 -4.35
CA TYR A 45 -3.81 6.87 -4.99
C TYR A 45 -3.85 5.36 -4.77
N ILE A 46 -4.69 4.95 -3.81
CA ILE A 46 -4.86 3.52 -3.46
C ILE A 46 -6.27 3.04 -3.86
N HIS A 47 -6.36 1.83 -4.36
CA HIS A 47 -7.63 1.21 -4.76
C HIS A 47 -7.62 -0.29 -4.44
N TYR A 48 -8.77 -0.83 -4.04
CA TYR A 48 -8.87 -2.25 -3.70
C TYR A 48 -8.85 -3.10 -4.98
N ALA A 49 -8.02 -4.14 -4.98
CA ALA A 49 -7.87 -5.03 -6.14
C ALA A 49 -9.17 -5.81 -6.38
N GLY A 50 -9.51 -6.02 -7.65
CA GLY A 50 -10.73 -6.76 -8.02
C GLY A 50 -11.96 -5.88 -7.93
N TRP A 51 -11.77 -4.57 -8.00
CA TRP A 51 -12.88 -3.59 -7.92
C TRP A 51 -12.63 -2.39 -8.82
N SER A 52 -13.68 -1.62 -9.08
CA SER A 52 -13.58 -0.43 -9.92
C SER A 52 -12.74 0.65 -9.25
N LYS A 53 -12.10 1.48 -10.06
CA LYS A 53 -11.23 2.58 -9.58
C LYS A 53 -12.05 3.81 -9.24
N ASN A 54 -13.36 3.76 -9.43
CA ASN A 54 -14.26 4.89 -9.15
C ASN A 54 -14.29 5.20 -7.66
N TRP A 55 -13.83 4.24 -6.85
CA TRP A 55 -13.81 4.39 -5.40
C TRP A 55 -12.83 5.50 -5.02
N ASP A 56 -11.75 5.64 -5.78
CA ASP A 56 -10.72 6.67 -5.57
C ASP A 56 -10.44 6.94 -4.08
N GLU A 57 -9.76 6.03 -3.41
CA GLU A 57 -9.46 6.17 -1.97
C GLU A 57 -8.07 6.79 -1.77
N TRP A 58 -8.02 8.11 -1.55
CA TRP A 58 -6.76 8.83 -1.33
C TRP A 58 -6.40 8.71 0.16
N VAL A 59 -5.17 8.28 0.45
CA VAL A 59 -4.72 8.12 1.85
C VAL A 59 -3.21 8.44 2.02
N PRO A 60 -2.81 8.86 3.19
CA PRO A 60 -1.35 9.18 3.45
C PRO A 60 -0.48 7.91 3.55
N GLU A 61 0.82 8.06 3.34
CA GLU A 61 1.77 6.94 3.40
C GLU A 61 1.62 6.17 4.72
N ASN A 62 1.03 6.79 5.72
CA ASN A 62 0.83 6.18 7.03
C ASN A 62 -0.08 4.95 6.95
N ARG A 63 -1.15 5.04 6.17
CA ARG A 63 -2.10 3.91 6.02
C ARG A 63 -1.64 2.93 4.95
N VAL A 64 -0.52 3.23 4.30
CA VAL A 64 0.02 2.35 3.24
C VAL A 64 1.09 1.42 3.82
N LEU A 65 0.96 0.13 3.53
CA LEU A 65 1.93 -0.87 4.03
C LEU A 65 2.56 -1.62 2.85
N LYS A 66 3.89 -1.71 2.88
CA LYS A 66 4.64 -2.38 1.81
C LYS A 66 4.36 -3.89 1.82
N TYR A 67 4.68 -4.54 0.70
CA TYR A 67 4.47 -5.99 0.57
C TYR A 67 5.74 -6.72 1.03
N ASN A 68 5.58 -7.56 2.06
CA ASN A 68 6.71 -8.33 2.60
C ASN A 68 6.20 -9.60 3.27
N ASP A 69 6.86 -10.72 2.97
CA ASP A 69 6.50 -12.01 3.57
C ASP A 69 6.28 -11.92 5.09
N ASP A 70 6.74 -10.84 5.69
CA ASP A 70 6.59 -10.61 7.14
C ASP A 70 5.16 -10.15 7.46
N ASN A 71 4.68 -9.12 6.78
CA ASN A 71 3.33 -8.60 7.01
C ASN A 71 2.31 -9.63 6.52
N VAL A 72 2.69 -10.39 5.50
CA VAL A 72 1.81 -11.45 4.97
C VAL A 72 1.61 -12.48 6.10
N LYS A 73 2.69 -12.81 6.79
CA LYS A 73 2.68 -13.77 7.91
C LYS A 73 1.77 -13.25 9.01
N ARG A 74 1.80 -11.95 9.27
CA ARG A 74 0.94 -11.33 10.31
C ARG A 74 -0.52 -11.49 9.91
N ARG A 75 -0.83 -11.40 8.62
CA ARG A 75 -2.21 -11.56 8.14
C ARG A 75 -2.64 -13.00 8.40
N GLN A 76 -1.73 -13.94 8.17
CA GLN A 76 -1.99 -15.36 8.40
C GLN A 76 -2.13 -15.58 9.90
N GLU A 77 -1.34 -14.85 10.68
CA GLU A 77 -1.40 -14.96 12.15
C GLU A 77 -2.76 -14.44 12.63
N LEU A 78 -3.10 -13.23 12.18
CA LEU A 78 -4.37 -12.59 12.53
C LEU A 78 -5.55 -13.45 12.03
N ALA A 79 -5.42 -13.98 10.83
CA ALA A 79 -6.48 -14.81 10.24
C ALA A 79 -6.65 -16.07 11.08
N ARG A 80 -5.53 -16.61 11.54
CA ARG A 80 -5.53 -17.82 12.38
C ARG A 80 -6.01 -17.47 13.78
N GLN A 81 -5.56 -16.33 14.29
CA GLN A 81 -5.93 -15.86 15.63
C GLN A 81 -7.43 -15.59 15.68
N CYS A 82 -7.98 -15.00 14.62
CA CYS A 82 -9.40 -14.69 14.52
C CYS A 82 -10.22 -15.98 14.54
N GLY A 83 -9.61 -17.09 14.16
CA GLY A 83 -10.27 -18.39 14.14
C GLY A 83 -11.16 -18.51 12.90
N GLU A 84 -11.85 -19.65 12.79
CA GLU A 84 -12.74 -19.91 11.66
C GLU A 84 -13.89 -18.90 11.63
N ARG A 85 -14.62 -18.87 10.52
CA ARG A 85 -15.75 -17.96 10.35
C ARG A 85 -16.56 -18.39 9.12
N MET A 1 32.85 13.00 -14.33
CA MET A 1 31.82 11.94 -14.45
C MET A 1 30.77 12.38 -15.48
N ASN A 2 29.73 11.57 -15.64
CA ASN A 2 28.66 11.88 -16.60
C ASN A 2 27.47 10.93 -16.42
N TYR A 3 27.27 10.45 -15.19
CA TYR A 3 26.17 9.54 -14.88
C TYR A 3 25.86 9.55 -13.38
N SER A 4 24.69 9.03 -13.01
CA SER A 4 24.26 8.96 -11.61
C SER A 4 23.16 7.94 -11.43
N THR A 5 22.92 7.53 -10.20
CA THR A 5 21.88 6.55 -9.87
C THR A 5 20.50 7.09 -10.25
N GLY A 6 20.25 8.35 -9.91
CA GLY A 6 18.97 8.99 -10.21
C GLY A 6 17.83 8.31 -9.48
N THR A 7 17.88 8.33 -8.14
CA THR A 7 16.84 7.72 -7.32
C THR A 7 15.47 8.36 -7.61
N ASP A 8 14.78 7.84 -8.61
CA ASP A 8 13.47 8.35 -9.01
C ASP A 8 12.45 8.22 -7.87
N ALA A 9 11.50 9.14 -7.83
CA ALA A 9 10.46 9.13 -6.79
C ALA A 9 11.08 9.10 -5.38
N ASN A 10 11.09 10.24 -4.71
CA ASN A 10 11.66 10.35 -3.36
C ASN A 10 10.88 9.45 -2.38
N THR A 11 9.58 9.33 -2.63
CA THR A 11 8.73 8.50 -1.77
C THR A 11 9.17 7.04 -1.81
N LEU A 12 8.80 6.27 -0.80
CA LEU A 12 9.17 4.85 -0.70
C LEU A 12 8.20 4.00 -1.52
N PHE A 13 7.12 4.60 -2.01
CA PHE A 13 6.09 3.91 -2.80
C PHE A 13 6.16 4.34 -4.28
N VAL A 14 6.01 3.38 -5.18
CA VAL A 14 6.05 3.64 -6.65
C VAL A 14 4.79 3.10 -7.32
N ASP A 15 4.32 3.82 -8.34
CA ASP A 15 3.11 3.43 -9.08
C ASP A 15 3.24 2.03 -9.69
N GLY A 16 2.17 1.25 -9.61
CA GLY A 16 2.13 -0.11 -10.15
C GLY A 16 2.59 -1.13 -9.11
N GLU A 17 3.05 -0.64 -7.96
CA GLU A 17 3.54 -1.49 -6.87
C GLU A 17 2.36 -2.09 -6.07
N ARG A 18 2.45 -3.37 -5.77
CA ARG A 18 1.40 -4.07 -5.00
C ARG A 18 1.65 -3.85 -3.50
N VAL A 19 0.63 -3.38 -2.79
CA VAL A 19 0.73 -3.12 -1.32
C VAL A 19 -0.48 -3.68 -0.59
N LEU A 20 -0.46 -3.55 0.73
CA LEU A 20 -1.56 -4.03 1.58
C LEU A 20 -2.24 -2.85 2.31
N CYS A 21 -3.55 -2.96 2.48
CA CYS A 21 -4.36 -1.91 3.14
C CYS A 21 -5.17 -2.49 4.29
N PHE A 22 -4.83 -2.10 5.52
CA PHE A 22 -5.54 -2.60 6.72
C PHE A 22 -6.66 -1.64 7.11
N HIS A 23 -7.73 -2.18 7.69
CA HIS A 23 -8.89 -1.39 8.13
C HIS A 23 -9.04 -1.46 9.65
N GLY A 24 -8.64 -2.59 10.24
CA GLY A 24 -8.74 -2.79 11.70
C GLY A 24 -8.85 -4.30 12.01
N PRO A 25 -9.94 -4.92 11.68
CA PRO A 25 -10.16 -6.39 11.98
C PRO A 25 -9.12 -7.32 11.27
N LEU A 26 -8.79 -7.02 10.01
CA LEU A 26 -7.81 -7.85 9.25
C LEU A 26 -7.15 -7.04 8.14
N ILE A 27 -6.04 -7.56 7.62
CA ILE A 27 -5.29 -6.91 6.53
C ILE A 27 -5.89 -7.34 5.18
N TYR A 28 -6.11 -6.37 4.30
CA TYR A 28 -6.68 -6.63 2.95
C TYR A 28 -5.67 -6.28 1.86
N GLU A 29 -5.85 -6.88 0.70
CA GLU A 29 -4.94 -6.66 -0.45
C GLU A 29 -5.40 -5.46 -1.28
N ALA A 30 -4.43 -4.67 -1.74
CA ALA A 30 -4.70 -3.48 -2.56
C ALA A 30 -3.50 -3.19 -3.45
N LYS A 31 -3.62 -2.20 -4.33
CA LYS A 31 -2.52 -1.83 -5.24
C LYS A 31 -2.44 -0.31 -5.40
N VAL A 32 -1.25 0.17 -5.75
CA VAL A 32 -1.00 1.63 -5.94
C VAL A 32 -1.14 1.98 -7.43
N LEU A 33 -2.21 2.66 -7.80
CA LEU A 33 -2.43 3.05 -9.20
C LEU A 33 -1.52 4.21 -9.56
N LYS A 34 -1.38 5.17 -8.65
CA LYS A 34 -0.53 6.34 -8.91
C LYS A 34 -0.15 7.02 -7.59
N THR A 35 0.92 7.80 -7.62
CA THR A 35 1.40 8.51 -6.42
C THR A 35 1.84 9.94 -6.76
N LYS A 36 1.77 10.82 -5.77
CA LYS A 36 2.19 12.24 -6.00
C LYS A 36 3.48 12.55 -5.21
N PRO A 37 4.64 12.25 -5.72
CA PRO A 37 5.93 12.52 -4.97
C PRO A 37 6.39 13.98 -5.11
N ASP A 38 5.54 14.84 -5.64
CA ASP A 38 5.86 16.26 -5.84
C ASP A 38 5.98 16.98 -4.50
N ALA A 39 5.80 16.26 -3.40
CA ALA A 39 5.89 16.87 -2.06
C ALA A 39 6.07 15.79 -0.98
N THR A 40 6.54 16.21 0.19
CA THR A 40 6.77 15.29 1.33
C THR A 40 6.42 15.98 2.70
N PRO A 41 5.47 15.50 3.45
CA PRO A 41 4.60 14.29 3.20
C PRO A 41 3.62 14.57 2.06
N VAL A 42 2.79 13.59 1.75
CA VAL A 42 1.81 13.74 0.66
C VAL A 42 0.79 12.61 0.68
N GLU A 43 -0.21 12.67 -0.20
CA GLU A 43 -1.26 11.65 -0.32
C GLU A 43 -0.91 10.66 -1.46
N TYR A 44 -1.58 9.52 -1.42
CA TYR A 44 -1.38 8.45 -2.42
C TYR A 44 -2.72 7.90 -2.92
N TYR A 45 -2.68 7.36 -4.13
CA TYR A 45 -3.91 6.80 -4.76
C TYR A 45 -3.95 5.28 -4.61
N ILE A 46 -4.81 4.82 -3.71
CA ILE A 46 -4.98 3.38 -3.42
C ILE A 46 -6.38 2.91 -3.87
N HIS A 47 -6.45 1.69 -4.40
CA HIS A 47 -7.72 1.10 -4.84
C HIS A 47 -7.71 -0.41 -4.55
N TYR A 48 -8.84 -0.95 -4.08
CA TYR A 48 -8.94 -2.37 -3.76
C TYR A 48 -8.93 -3.19 -5.07
N ALA A 49 -8.13 -4.25 -5.10
CA ALA A 49 -8.03 -5.12 -6.28
C ALA A 49 -9.34 -5.88 -6.52
N GLY A 50 -9.79 -5.94 -7.77
CA GLY A 50 -11.04 -6.64 -8.14
C GLY A 50 -12.26 -5.77 -7.90
N TRP A 51 -12.06 -4.46 -7.81
CA TRP A 51 -13.16 -3.51 -7.58
C TRP A 51 -12.99 -2.25 -8.43
N SER A 52 -14.06 -1.48 -8.55
CA SER A 52 -14.06 -0.25 -9.33
C SER A 52 -13.07 0.76 -8.76
N LYS A 53 -12.23 1.34 -9.62
CA LYS A 53 -11.22 2.33 -9.21
C LYS A 53 -11.84 3.73 -9.09
N ASN A 54 -13.11 3.87 -9.46
CA ASN A 54 -13.80 5.17 -9.41
C ASN A 54 -14.03 5.58 -7.96
N TRP A 55 -13.80 4.66 -7.03
CA TRP A 55 -13.99 4.94 -5.60
C TRP A 55 -12.94 5.94 -5.13
N ASP A 56 -11.80 5.96 -5.80
CA ASP A 56 -10.68 6.88 -5.48
C ASP A 56 -10.42 7.01 -3.97
N GLU A 57 -9.80 6.00 -3.36
CA GLU A 57 -9.52 6.03 -1.91
C GLU A 57 -8.17 6.71 -1.63
N TRP A 58 -8.18 8.02 -1.47
CA TRP A 58 -6.96 8.79 -1.18
C TRP A 58 -6.58 8.60 0.30
N VAL A 59 -5.38 8.11 0.56
CA VAL A 59 -4.92 7.86 1.96
C VAL A 59 -3.41 8.18 2.18
N PRO A 60 -3.02 8.56 3.36
CA PRO A 60 -1.57 8.88 3.65
C PRO A 60 -0.72 7.59 3.74
N GLU A 61 0.59 7.76 3.59
CA GLU A 61 1.54 6.63 3.65
C GLU A 61 1.39 5.85 4.98
N ASN A 62 0.77 6.47 5.97
CA ASN A 62 0.57 5.84 7.28
C ASN A 62 -0.30 4.58 7.18
N ARG A 63 -1.37 4.61 6.39
CA ARG A 63 -2.28 3.45 6.24
C ARG A 63 -1.76 2.48 5.16
N VAL A 64 -0.65 2.84 4.51
CA VAL A 64 -0.05 1.99 3.45
C VAL A 64 1.29 1.42 3.93
N LEU A 65 1.53 0.15 3.64
CA LEU A 65 2.78 -0.54 4.04
C LEU A 65 3.36 -1.33 2.86
N LYS A 66 4.67 -1.58 2.91
CA LYS A 66 5.35 -2.33 1.85
C LYS A 66 4.97 -3.81 1.89
N TYR A 67 4.96 -4.43 0.72
CA TYR A 67 4.63 -5.85 0.60
C TYR A 67 5.87 -6.70 0.87
N ASN A 68 5.80 -7.52 1.91
CA ASN A 68 6.94 -8.39 2.27
C ASN A 68 6.44 -9.61 3.04
N ASP A 69 7.16 -10.72 2.90
CA ASP A 69 6.81 -11.97 3.58
C ASP A 69 6.50 -11.73 5.08
N ASP A 70 6.99 -10.63 5.63
CA ASP A 70 6.76 -10.30 7.05
C ASP A 70 5.33 -9.80 7.26
N ASN A 71 4.90 -8.83 6.45
CA ASN A 71 3.54 -8.28 6.56
C ASN A 71 2.52 -9.37 6.20
N VAL A 72 2.92 -10.27 5.30
CA VAL A 72 2.05 -11.38 4.91
C VAL A 72 1.90 -12.31 6.12
N LYS A 73 3.00 -12.54 6.81
CA LYS A 73 3.03 -13.39 8.01
C LYS A 73 2.06 -12.82 9.06
N ARG A 74 2.03 -11.50 9.20
CA ARG A 74 1.14 -10.84 10.16
C ARG A 74 -0.32 -11.13 9.78
N ARG A 75 -0.63 -11.13 8.49
CA ARG A 75 -2.00 -11.43 8.02
C ARG A 75 -2.33 -12.88 8.38
N GLN A 76 -1.36 -13.78 8.20
CA GLN A 76 -1.53 -15.19 8.53
C GLN A 76 -1.66 -15.32 10.06
N GLU A 77 -0.92 -14.50 10.78
CA GLU A 77 -0.96 -14.51 12.25
C GLU A 77 -2.36 -14.04 12.70
N LEU A 78 -2.80 -12.91 12.15
CA LEU A 78 -4.11 -12.35 12.45
C LEU A 78 -5.22 -13.31 12.01
N ALA A 79 -4.99 -13.97 10.88
CA ALA A 79 -5.97 -14.93 10.34
C ALA A 79 -6.22 -16.06 11.36
N ARG A 80 -5.15 -16.49 12.04
CA ARG A 80 -5.26 -17.54 13.05
C ARG A 80 -6.08 -17.01 14.24
N GLN A 81 -5.83 -15.76 14.63
CA GLN A 81 -6.55 -15.12 15.73
C GLN A 81 -8.02 -14.96 15.36
N CYS A 82 -8.29 -14.58 14.12
CA CYS A 82 -9.65 -14.39 13.62
C CYS A 82 -10.44 -15.70 13.68
N GLY A 83 -9.77 -16.80 13.37
CA GLY A 83 -10.40 -18.12 13.38
C GLY A 83 -10.88 -18.48 14.79
N GLU A 84 -10.07 -18.16 15.79
CA GLU A 84 -10.39 -18.45 17.20
C GLU A 84 -10.66 -19.94 17.41
N ARG A 85 -11.86 -20.38 17.06
CA ARG A 85 -12.25 -21.78 17.21
C ARG A 85 -11.34 -22.69 16.36
N MET A 1 17.46 16.16 -11.98
CA MET A 1 16.38 15.83 -12.95
C MET A 1 17.00 15.23 -14.21
N ASN A 2 18.25 14.79 -14.11
CA ASN A 2 18.97 14.20 -15.23
C ASN A 2 18.31 12.87 -15.63
N TYR A 3 18.65 12.38 -16.82
CA TYR A 3 18.08 11.11 -17.32
C TYR A 3 18.48 9.96 -16.39
N SER A 4 19.74 9.91 -15.98
CA SER A 4 20.24 8.85 -15.09
C SER A 4 19.92 7.46 -15.65
N THR A 5 20.10 6.44 -14.83
CA THR A 5 19.83 5.05 -15.24
C THR A 5 18.36 4.87 -15.60
N GLY A 6 17.48 5.41 -14.76
CA GLY A 6 16.03 5.30 -14.98
C GLY A 6 15.26 6.10 -13.93
N THR A 7 13.96 5.87 -13.88
CA THR A 7 13.07 6.55 -12.92
C THR A 7 13.45 6.19 -11.49
N ASP A 8 13.19 7.09 -10.56
CA ASP A 8 13.51 6.88 -9.14
C ASP A 8 12.81 7.92 -8.26
N ALA A 9 11.53 7.70 -8.00
CA ALA A 9 10.74 8.61 -7.16
C ALA A 9 11.30 8.67 -5.74
N ASN A 10 11.18 9.82 -5.09
CA ASN A 10 11.68 10.01 -3.72
C ASN A 10 10.91 9.11 -2.76
N THR A 11 9.60 8.98 -2.97
CA THR A 11 8.76 8.14 -2.11
C THR A 11 9.16 6.67 -2.26
N LEU A 12 8.88 5.89 -1.22
CA LEU A 12 9.21 4.45 -1.22
C LEU A 12 8.12 3.65 -1.93
N PHE A 13 7.01 4.31 -2.25
CA PHE A 13 5.87 3.67 -2.94
C PHE A 13 5.87 4.02 -4.44
N VAL A 14 5.71 3.00 -5.28
CA VAL A 14 5.71 3.16 -6.76
C VAL A 14 4.42 2.58 -7.35
N ASP A 15 3.87 3.25 -8.35
CA ASP A 15 2.63 2.80 -9.00
C ASP A 15 2.81 1.43 -9.65
N GLY A 16 1.78 0.60 -9.56
CA GLY A 16 1.79 -0.76 -10.13
C GLY A 16 2.33 -1.78 -9.12
N GLU A 17 2.81 -1.28 -7.99
CA GLU A 17 3.38 -2.14 -6.93
C GLU A 17 2.29 -2.60 -5.95
N ARG A 18 2.45 -3.82 -5.43
CA ARG A 18 1.51 -4.39 -4.46
C ARG A 18 1.62 -3.62 -3.15
N VAL A 19 0.51 -3.51 -2.43
CA VAL A 19 0.49 -2.80 -1.14
C VAL A 19 -0.66 -3.32 -0.29
N LEU A 20 -0.46 -3.27 1.02
CA LEU A 20 -1.48 -3.73 1.98
C LEU A 20 -2.15 -2.52 2.65
N CYS A 21 -3.47 -2.57 2.74
CA CYS A 21 -4.26 -1.48 3.35
C CYS A 21 -5.10 -2.02 4.52
N PHE A 22 -4.77 -1.59 5.73
CA PHE A 22 -5.48 -2.01 6.95
C PHE A 22 -6.50 -0.94 7.35
N HIS A 23 -7.56 -1.36 8.04
CA HIS A 23 -8.61 -0.45 8.47
C HIS A 23 -9.49 -1.11 9.53
N GLY A 24 -8.95 -2.12 10.19
CA GLY A 24 -9.68 -2.85 11.23
C GLY A 24 -8.83 -3.97 11.87
N PRO A 25 -9.41 -5.01 12.38
CA PRO A 25 -8.62 -6.12 13.02
C PRO A 25 -7.98 -7.07 12.00
N LEU A 26 -8.16 -6.78 10.71
CA LEU A 26 -7.59 -7.60 9.61
C LEU A 26 -6.96 -6.72 8.52
N ILE A 27 -5.97 -7.29 7.84
CA ILE A 27 -5.24 -6.61 6.76
C ILE A 27 -5.79 -7.09 5.39
N TYR A 28 -6.13 -6.13 4.53
CA TYR A 28 -6.67 -6.41 3.19
C TYR A 28 -5.63 -6.06 2.10
N GLU A 29 -5.73 -6.74 0.97
CA GLU A 29 -4.80 -6.52 -0.16
C GLU A 29 -5.26 -5.35 -1.03
N ALA A 30 -4.30 -4.59 -1.56
CA ALA A 30 -4.56 -3.43 -2.41
C ALA A 30 -3.38 -3.18 -3.36
N LYS A 31 -3.49 -2.20 -4.24
CA LYS A 31 -2.42 -1.88 -5.20
C LYS A 31 -2.43 -0.39 -5.53
N VAL A 32 -1.23 0.16 -5.69
CA VAL A 32 -1.06 1.60 -6.00
C VAL A 32 -1.16 1.82 -7.50
N LEU A 33 -2.11 2.66 -7.94
CA LEU A 33 -2.27 2.96 -9.38
C LEU A 33 -1.54 4.25 -9.72
N LYS A 34 -1.47 5.18 -8.77
CA LYS A 34 -0.80 6.47 -9.01
C LYS A 34 -0.28 7.05 -7.69
N THR A 35 0.86 7.73 -7.77
CA THR A 35 1.50 8.34 -6.60
C THR A 35 1.93 9.77 -6.89
N LYS A 36 1.87 10.63 -5.87
CA LYS A 36 2.29 12.05 -6.04
C LYS A 36 3.58 12.33 -5.23
N PRO A 37 4.75 12.12 -5.77
CA PRO A 37 6.03 12.36 -5.00
C PRO A 37 6.49 13.82 -5.07
N ASP A 38 5.60 14.70 -5.51
CA ASP A 38 5.89 16.14 -5.63
C ASP A 38 5.80 16.83 -4.27
N ALA A 39 5.71 16.05 -3.20
CA ALA A 39 5.61 16.62 -1.84
C ALA A 39 5.92 15.56 -0.78
N THR A 40 6.33 16.01 0.40
CA THR A 40 6.68 15.10 1.54
C THR A 40 6.24 15.71 2.90
N PRO A 41 5.29 15.16 3.60
CA PRO A 41 4.49 13.92 3.27
C PRO A 41 3.52 14.20 2.11
N VAL A 42 2.74 13.20 1.74
CA VAL A 42 1.78 13.34 0.63
C VAL A 42 0.79 12.18 0.61
N GLU A 43 -0.19 12.25 -0.28
CA GLU A 43 -1.22 11.21 -0.46
C GLU A 43 -0.82 10.26 -1.63
N TYR A 44 -1.47 9.09 -1.64
CA TYR A 44 -1.22 8.07 -2.67
C TYR A 44 -2.55 7.49 -3.17
N TYR A 45 -2.54 7.11 -4.43
CA TYR A 45 -3.76 6.53 -5.07
C TYR A 45 -3.84 5.04 -4.81
N ILE A 46 -4.67 4.67 -3.83
CA ILE A 46 -4.88 3.26 -3.43
C ILE A 46 -6.26 2.79 -3.93
N HIS A 47 -6.32 1.55 -4.40
CA HIS A 47 -7.56 0.94 -4.89
C HIS A 47 -7.60 -0.55 -4.50
N TYR A 48 -8.78 -1.06 -4.17
CA TYR A 48 -8.93 -2.47 -3.78
C TYR A 48 -8.94 -3.37 -5.04
N ALA A 49 -8.16 -4.44 -5.00
CA ALA A 49 -8.07 -5.37 -6.13
C ALA A 49 -9.42 -6.05 -6.40
N GLY A 50 -9.83 -6.09 -7.66
CA GLY A 50 -11.11 -6.72 -8.06
C GLY A 50 -12.28 -5.77 -7.86
N TRP A 51 -12.01 -4.47 -7.87
CA TRP A 51 -13.04 -3.43 -7.69
C TRP A 51 -12.77 -2.22 -8.57
N SER A 52 -13.80 -1.40 -8.76
CA SER A 52 -13.70 -0.19 -9.59
C SER A 52 -12.73 0.81 -8.95
N LYS A 53 -11.94 1.49 -9.78
CA LYS A 53 -10.97 2.49 -9.32
C LYS A 53 -11.62 3.86 -9.18
N ASN A 54 -12.88 4.00 -9.58
CA ASN A 54 -13.59 5.28 -9.50
C ASN A 54 -13.79 5.69 -8.05
N TRP A 55 -13.52 4.78 -7.12
CA TRP A 55 -13.66 5.06 -5.69
C TRP A 55 -12.55 6.02 -5.25
N ASP A 56 -11.43 6.01 -5.95
CA ASP A 56 -10.27 6.89 -5.66
C ASP A 56 -10.01 7.03 -4.15
N GLU A 57 -9.47 6.00 -3.51
CA GLU A 57 -9.20 6.06 -2.05
C GLU A 57 -7.84 6.71 -1.80
N TRP A 58 -7.81 8.04 -1.73
CA TRP A 58 -6.58 8.79 -1.46
C TRP A 58 -6.32 8.79 0.05
N VAL A 59 -5.15 8.32 0.46
CA VAL A 59 -4.83 8.28 1.93
C VAL A 59 -3.35 8.60 2.24
N PRO A 60 -3.02 9.01 3.44
CA PRO A 60 -1.60 9.34 3.81
C PRO A 60 -0.74 8.08 3.95
N GLU A 61 0.57 8.24 3.83
CA GLU A 61 1.52 7.11 3.95
C GLU A 61 1.30 6.34 5.26
N ASN A 62 0.83 7.04 6.29
CA ASN A 62 0.60 6.42 7.61
C ASN A 62 -0.42 5.27 7.53
N ARG A 63 -1.50 5.45 6.78
CA ARG A 63 -2.55 4.42 6.64
C ARG A 63 -2.16 3.36 5.59
N VAL A 64 -1.00 3.52 4.98
CA VAL A 64 -0.50 2.59 3.94
C VAL A 64 0.69 1.77 4.47
N LEU A 65 0.73 0.49 4.11
CA LEU A 65 1.82 -0.43 4.56
C LEU A 65 2.49 -1.08 3.35
N LYS A 66 3.82 -1.10 3.38
CA LYS A 66 4.61 -1.69 2.29
C LYS A 66 4.37 -3.20 2.19
N TYR A 67 4.49 -3.73 0.97
CA TYR A 67 4.29 -5.17 0.73
C TYR A 67 5.57 -5.93 1.07
N ASN A 68 5.49 -6.82 2.05
CA ASN A 68 6.65 -7.61 2.47
C ASN A 68 6.20 -8.93 3.08
N ASP A 69 6.92 -10.00 2.75
CA ASP A 69 6.60 -11.33 3.25
C ASP A 69 6.33 -11.31 4.77
N ASP A 70 6.94 -10.37 5.49
CA ASP A 70 6.76 -10.24 6.93
C ASP A 70 5.35 -9.70 7.24
N ASN A 71 4.92 -8.66 6.53
CA ASN A 71 3.59 -8.07 6.74
C ASN A 71 2.52 -9.10 6.35
N VAL A 72 2.83 -9.89 5.33
CA VAL A 72 1.92 -10.95 4.88
C VAL A 72 1.81 -11.99 6.00
N LYS A 73 2.96 -12.33 6.59
CA LYS A 73 3.00 -13.30 7.69
C LYS A 73 2.06 -12.87 8.82
N ARG A 74 2.04 -11.57 9.11
CA ARG A 74 1.18 -11.03 10.15
C ARG A 74 -0.29 -11.23 9.77
N ARG A 75 -0.62 -11.06 8.49
CA ARG A 75 -2.00 -11.25 8.00
C ARG A 75 -2.37 -12.72 8.17
N GLN A 76 -1.42 -13.60 7.86
CA GLN A 76 -1.61 -15.04 8.00
C GLN A 76 -1.76 -15.38 9.49
N GLU A 77 -0.99 -14.68 10.31
CA GLU A 77 -1.03 -14.88 11.76
C GLU A 77 -2.42 -14.47 12.28
N LEU A 78 -2.84 -13.28 11.88
CA LEU A 78 -4.15 -12.73 12.26
C LEU A 78 -5.26 -13.63 11.70
N ALA A 79 -5.07 -14.11 10.48
CA ALA A 79 -6.06 -14.98 9.83
C ALA A 79 -6.29 -16.23 10.68
N ARG A 80 -5.22 -16.81 11.20
CA ARG A 80 -5.30 -17.99 12.06
C ARG A 80 -5.90 -17.58 13.40
N GLN A 81 -5.53 -16.40 13.87
CA GLN A 81 -6.03 -15.88 15.16
C GLN A 81 -7.56 -15.76 15.13
N CYS A 82 -8.09 -15.06 14.14
CA CYS A 82 -9.54 -14.89 14.00
C CYS A 82 -10.21 -16.22 13.68
N GLY A 83 -9.45 -17.16 13.13
CA GLY A 83 -9.97 -18.47 12.76
C GLY A 83 -10.48 -19.22 13.98
N GLU A 84 -9.75 -19.13 15.09
CA GLU A 84 -10.12 -19.80 16.34
C GLU A 84 -11.45 -19.27 16.87
N ARG A 85 -12.28 -20.18 17.39
CA ARG A 85 -13.59 -19.83 17.92
C ARG A 85 -14.18 -21.03 18.68
N MET A 1 23.90 23.47 -1.37
CA MET A 1 22.85 22.56 -1.89
C MET A 1 23.44 21.76 -3.05
N ASN A 2 24.19 20.70 -2.70
CA ASN A 2 24.83 19.84 -3.71
C ASN A 2 23.77 19.13 -4.56
N TYR A 3 22.66 18.76 -3.94
CA TYR A 3 21.57 18.06 -4.64
C TYR A 3 20.94 18.98 -5.70
N SER A 4 20.59 18.40 -6.85
CA SER A 4 19.97 19.17 -7.94
C SER A 4 19.30 18.23 -8.94
N THR A 5 20.11 17.47 -9.67
CA THR A 5 19.60 16.52 -10.67
C THR A 5 18.85 15.38 -9.98
N GLY A 6 17.72 14.99 -10.57
CA GLY A 6 16.91 13.90 -10.02
C GLY A 6 15.63 13.70 -10.83
N THR A 7 14.56 14.37 -10.44
CA THR A 7 13.27 14.26 -11.11
C THR A 7 12.83 12.79 -11.19
N ASP A 8 12.32 12.28 -10.07
CA ASP A 8 11.88 10.89 -10.00
C ASP A 8 11.05 10.65 -8.72
N ALA A 9 10.39 9.49 -8.68
CA ALA A 9 9.57 9.12 -7.54
C ALA A 9 10.44 8.93 -6.28
N ASN A 10 10.76 10.03 -5.60
CA ASN A 10 11.58 9.97 -4.38
C ASN A 10 10.85 9.21 -3.28
N THR A 11 9.53 9.13 -3.40
CA THR A 11 8.71 8.44 -2.41
C THR A 11 9.05 6.94 -2.40
N LEU A 12 8.98 6.31 -1.23
CA LEU A 12 9.29 4.89 -1.09
C LEU A 12 8.28 4.04 -1.88
N PHE A 13 7.12 4.61 -2.17
CA PHE A 13 6.04 3.92 -2.93
C PHE A 13 6.10 4.28 -4.43
N VAL A 14 6.08 3.26 -5.27
CA VAL A 14 6.14 3.42 -6.75
C VAL A 14 4.86 2.86 -7.40
N ASP A 15 4.41 3.52 -8.45
CA ASP A 15 3.20 3.11 -9.18
C ASP A 15 3.34 1.67 -9.73
N GLY A 16 2.26 0.89 -9.62
CA GLY A 16 2.24 -0.49 -10.12
C GLY A 16 2.79 -1.46 -9.06
N GLU A 17 3.16 -0.93 -7.90
CA GLU A 17 3.70 -1.74 -6.80
C GLU A 17 2.57 -2.32 -5.95
N ARG A 18 2.65 -3.60 -5.65
CA ARG A 18 1.64 -4.29 -4.83
C ARG A 18 1.88 -3.96 -3.35
N VAL A 19 0.85 -3.49 -2.66
CA VAL A 19 0.95 -3.13 -1.22
C VAL A 19 -0.24 -3.69 -0.44
N LEU A 20 -0.18 -3.58 0.87
CA LEU A 20 -1.25 -4.06 1.76
C LEU A 20 -1.96 -2.88 2.45
N CYS A 21 -3.28 -2.97 2.56
CA CYS A 21 -4.11 -1.91 3.20
C CYS A 21 -4.87 -2.47 4.40
N PHE A 22 -4.49 -2.04 5.59
CA PHE A 22 -5.14 -2.49 6.84
C PHE A 22 -6.14 -1.45 7.32
N HIS A 23 -6.85 -1.76 8.40
CA HIS A 23 -7.85 -0.84 8.96
C HIS A 23 -7.91 -1.00 10.48
N GLY A 24 -7.68 -2.21 10.96
CA GLY A 24 -7.72 -2.50 12.40
C GLY A 24 -8.00 -4.00 12.65
N PRO A 25 -9.18 -4.45 12.33
CA PRO A 25 -9.55 -5.91 12.55
C PRO A 25 -8.65 -6.89 11.75
N LEU A 26 -8.48 -6.68 10.46
CA LEU A 26 -7.64 -7.58 9.61
C LEU A 26 -6.97 -6.80 8.48
N ILE A 27 -5.99 -7.44 7.84
CA ILE A 27 -5.24 -6.85 6.72
C ILE A 27 -5.92 -7.24 5.41
N TYR A 28 -5.89 -6.32 4.45
CA TYR A 28 -6.51 -6.55 3.11
C TYR A 28 -5.51 -6.23 1.99
N GLU A 29 -5.71 -6.84 0.83
CA GLU A 29 -4.84 -6.65 -0.33
C GLU A 29 -5.25 -5.40 -1.14
N ALA A 30 -4.26 -4.61 -1.53
CA ALA A 30 -4.48 -3.39 -2.32
C ALA A 30 -3.30 -3.13 -3.23
N LYS A 31 -3.40 -2.14 -4.11
CA LYS A 31 -2.30 -1.79 -5.05
C LYS A 31 -2.21 -0.28 -5.24
N VAL A 32 -1.01 0.19 -5.61
CA VAL A 32 -0.76 1.62 -5.85
C VAL A 32 -0.96 1.92 -7.33
N LEU A 33 -2.08 2.57 -7.66
CA LEU A 33 -2.38 2.92 -9.04
C LEU A 33 -1.58 4.14 -9.47
N LYS A 34 -1.52 5.14 -8.60
CA LYS A 34 -0.80 6.38 -8.90
C LYS A 34 -0.29 7.03 -7.62
N THR A 35 0.80 7.76 -7.74
CA THR A 35 1.44 8.43 -6.59
C THR A 35 1.81 9.87 -6.94
N LYS A 36 1.71 10.75 -5.95
CA LYS A 36 2.06 12.18 -6.16
C LYS A 36 3.34 12.53 -5.37
N PRO A 37 4.51 12.40 -5.92
CA PRO A 37 5.79 12.70 -5.18
C PRO A 37 6.17 14.19 -5.29
N ASP A 38 5.26 15.01 -5.78
CA ASP A 38 5.50 16.45 -5.95
C ASP A 38 5.53 17.17 -4.59
N ALA A 39 5.55 16.40 -3.51
CA ALA A 39 5.58 16.98 -2.15
C ALA A 39 6.07 15.97 -1.11
N THR A 40 6.51 16.47 0.03
CA THR A 40 7.03 15.61 1.14
C THR A 40 6.65 16.20 2.54
N PRO A 41 5.75 15.62 3.28
CA PRO A 41 4.95 14.38 2.98
C PRO A 41 3.94 14.64 1.85
N VAL A 42 3.09 13.65 1.59
CA VAL A 42 2.08 13.79 0.52
C VAL A 42 1.02 12.70 0.61
N GLU A 43 0.12 12.64 -0.36
CA GLU A 43 -0.96 11.65 -0.44
C GLU A 43 -0.69 10.68 -1.61
N TYR A 44 -1.35 9.54 -1.55
CA TYR A 44 -1.21 8.48 -2.56
C TYR A 44 -2.58 7.93 -2.97
N TYR A 45 -2.70 7.52 -4.23
CA TYR A 45 -3.98 6.97 -4.74
C TYR A 45 -3.95 5.44 -4.67
N ILE A 46 -4.76 4.89 -3.77
CA ILE A 46 -4.87 3.44 -3.57
C ILE A 46 -6.27 2.97 -4.00
N HIS A 47 -6.33 1.73 -4.50
CA HIS A 47 -7.59 1.11 -4.94
C HIS A 47 -7.57 -0.39 -4.58
N TYR A 48 -8.74 -0.92 -4.23
CA TYR A 48 -8.85 -2.35 -3.88
C TYR A 48 -8.81 -3.22 -5.15
N ALA A 49 -8.06 -4.31 -5.09
CA ALA A 49 -7.92 -5.21 -6.25
C ALA A 49 -9.26 -5.93 -6.55
N GLY A 50 -9.71 -5.83 -7.79
CA GLY A 50 -10.98 -6.48 -8.21
C GLY A 50 -12.18 -5.57 -7.97
N TRP A 51 -11.94 -4.27 -7.94
CA TRP A 51 -13.03 -3.28 -7.71
C TRP A 51 -12.88 -2.07 -8.64
N SER A 52 -13.96 -1.29 -8.74
CA SER A 52 -13.97 -0.11 -9.61
C SER A 52 -13.06 0.98 -9.04
N LYS A 53 -12.54 1.84 -9.91
CA LYS A 53 -11.65 2.95 -9.56
C LYS A 53 -12.44 4.20 -9.16
N ASN A 54 -13.76 4.17 -9.31
CA ASN A 54 -14.61 5.33 -8.98
C ASN A 54 -14.62 5.57 -7.47
N TRP A 55 -14.14 4.60 -6.70
CA TRP A 55 -14.10 4.71 -5.24
C TRP A 55 -13.11 5.80 -4.83
N ASP A 56 -12.07 6.00 -5.63
CA ASP A 56 -11.02 7.02 -5.39
C ASP A 56 -10.62 7.10 -3.90
N GLU A 57 -9.87 6.13 -3.39
CA GLU A 57 -9.45 6.13 -1.98
C GLU A 57 -8.06 6.74 -1.85
N TRP A 58 -8.00 8.05 -1.61
CA TRP A 58 -6.73 8.78 -1.43
C TRP A 58 -6.41 8.85 0.07
N VAL A 59 -5.23 8.39 0.46
CA VAL A 59 -4.85 8.40 1.92
C VAL A 59 -3.31 8.64 2.14
N PRO A 60 -2.91 9.23 3.23
CA PRO A 60 -1.43 9.43 3.50
C PRO A 60 -0.64 8.11 3.55
N GLU A 61 0.66 8.21 3.34
CA GLU A 61 1.55 7.04 3.38
C GLU A 61 1.38 6.24 4.67
N ASN A 62 0.87 6.89 5.72
CA ASN A 62 0.66 6.25 7.01
C ASN A 62 -0.32 5.08 6.92
N ARG A 63 -1.41 5.25 6.17
CA ARG A 63 -2.43 4.20 6.02
C ARG A 63 -1.98 3.14 5.02
N VAL A 64 -0.81 3.33 4.40
CA VAL A 64 -0.26 2.38 3.41
C VAL A 64 0.85 1.52 4.04
N LEU A 65 0.75 0.21 3.85
CA LEU A 65 1.77 -0.74 4.40
C LEU A 65 2.52 -1.43 3.25
N LYS A 66 3.83 -1.50 3.38
CA LYS A 66 4.68 -2.13 2.35
C LYS A 66 4.47 -3.65 2.34
N TYR A 67 4.73 -4.26 1.18
CA TYR A 67 4.56 -5.72 1.03
C TYR A 67 5.85 -6.41 1.49
N ASN A 68 5.71 -7.29 2.48
CA ASN A 68 6.87 -8.03 3.02
C ASN A 68 6.42 -9.35 3.64
N ASP A 69 7.23 -10.39 3.43
CA ASP A 69 6.92 -11.72 3.96
C ASP A 69 6.46 -11.64 5.44
N ASP A 70 6.95 -10.65 6.17
CA ASP A 70 6.58 -10.46 7.58
C ASP A 70 5.14 -9.98 7.69
N ASN A 71 4.76 -8.98 6.89
CA ASN A 71 3.39 -8.45 6.92
C ASN A 71 2.42 -9.55 6.47
N VAL A 72 2.87 -10.36 5.51
CA VAL A 72 2.07 -11.49 5.02
C VAL A 72 1.91 -12.48 6.17
N LYS A 73 3.01 -12.77 6.86
CA LYS A 73 3.01 -13.69 8.00
C LYS A 73 2.04 -13.17 9.08
N ARG A 74 2.01 -11.87 9.30
CA ARG A 74 1.11 -11.27 10.29
C ARG A 74 -0.35 -11.50 9.87
N ARG A 75 -0.63 -11.41 8.57
CA ARG A 75 -2.00 -11.64 8.06
C ARG A 75 -2.37 -13.10 8.31
N GLN A 76 -1.42 -14.00 8.09
CA GLN A 76 -1.63 -15.44 8.32
C GLN A 76 -1.81 -15.66 9.83
N GLU A 77 -1.06 -14.92 10.63
CA GLU A 77 -1.16 -15.04 12.10
C GLU A 77 -2.54 -14.56 12.55
N LEU A 78 -2.89 -13.34 12.12
CA LEU A 78 -4.19 -12.74 12.45
C LEU A 78 -5.32 -13.64 11.93
N ALA A 79 -5.12 -14.22 10.75
CA ALA A 79 -6.12 -15.10 10.14
C ALA A 79 -6.27 -16.37 10.98
N ARG A 80 -5.15 -16.81 11.57
CA ARG A 80 -5.15 -18.00 12.41
C ARG A 80 -6.04 -17.76 13.63
N GLN A 81 -5.90 -16.58 14.24
CA GLN A 81 -6.69 -16.20 15.41
C GLN A 81 -8.17 -16.16 15.05
N CYS A 82 -8.50 -15.68 13.86
CA CYS A 82 -9.88 -15.60 13.40
C CYS A 82 -10.49 -16.99 13.28
N GLY A 83 -9.68 -17.97 12.87
CA GLY A 83 -10.13 -19.34 12.71
C GLY A 83 -10.52 -19.93 14.05
N GLU A 84 -11.24 -21.05 14.02
CA GLU A 84 -11.70 -21.72 15.24
C GLU A 84 -10.50 -22.14 16.11
N ARG A 85 -10.60 -21.88 17.41
CA ARG A 85 -9.54 -22.24 18.36
C ARG A 85 -8.18 -21.68 17.93
N MET A 1 21.73 18.77 -15.18
CA MET A 1 22.67 18.34 -14.11
C MET A 1 22.19 16.99 -13.56
N ASN A 2 23.13 16.08 -13.33
CA ASN A 2 22.80 14.74 -12.79
C ASN A 2 24.09 14.02 -12.34
N TYR A 3 24.19 13.71 -11.06
CA TYR A 3 25.35 13.01 -10.52
C TYR A 3 25.52 11.63 -11.18
N SER A 4 24.43 10.88 -11.26
CA SER A 4 24.44 9.55 -11.87
C SER A 4 23.00 9.05 -12.09
N THR A 5 22.85 8.06 -12.97
CA THR A 5 21.54 7.50 -13.28
C THR A 5 20.95 6.79 -12.05
N GLY A 6 19.69 7.08 -11.75
CA GLY A 6 19.01 6.46 -10.61
C GLY A 6 17.60 7.00 -10.46
N THR A 7 16.87 6.47 -9.47
CA THR A 7 15.50 6.88 -9.22
C THR A 7 15.46 8.33 -8.72
N ASP A 8 14.29 8.96 -8.86
CA ASP A 8 14.10 10.35 -8.43
C ASP A 8 12.66 10.59 -7.98
N ALA A 9 11.90 9.51 -7.83
CA ALA A 9 10.50 9.60 -7.41
C ALA A 9 10.40 10.05 -5.95
N ASN A 10 11.54 10.34 -5.33
CA ASN A 10 11.58 10.78 -3.91
C ASN A 10 10.93 9.75 -2.98
N THR A 11 9.61 9.67 -3.02
CA THR A 11 8.86 8.71 -2.19
C THR A 11 9.30 7.29 -2.53
N LEU A 12 9.10 6.38 -1.59
CA LEU A 12 9.48 4.97 -1.75
C LEU A 12 8.35 4.20 -2.46
N PHE A 13 7.26 4.88 -2.78
CA PHE A 13 6.08 4.27 -3.45
C PHE A 13 6.05 4.65 -4.95
N VAL A 14 5.80 3.65 -5.79
CA VAL A 14 5.74 3.84 -7.26
C VAL A 14 4.52 3.12 -7.84
N ASP A 15 4.00 3.64 -8.95
CA ASP A 15 2.84 3.06 -9.62
C ASP A 15 3.09 1.61 -10.05
N GLY A 16 2.09 0.75 -9.91
CA GLY A 16 2.18 -0.66 -10.29
C GLY A 16 2.75 -1.50 -9.14
N GLU A 17 3.15 -0.84 -8.05
CA GLU A 17 3.72 -1.51 -6.89
C GLU A 17 2.61 -2.17 -6.03
N ARG A 18 2.78 -3.45 -5.73
CA ARG A 18 1.80 -4.19 -4.91
C ARG A 18 2.02 -3.84 -3.42
N VAL A 19 0.95 -3.43 -2.75
CA VAL A 19 1.01 -3.07 -1.30
C VAL A 19 -0.21 -3.59 -0.56
N LEU A 20 -0.15 -3.52 0.77
CA LEU A 20 -1.26 -3.98 1.64
C LEU A 20 -1.94 -2.77 2.29
N CYS A 21 -3.28 -2.83 2.36
CA CYS A 21 -4.09 -1.74 2.97
C CYS A 21 -5.03 -2.31 4.05
N PHE A 22 -4.88 -1.82 5.27
CA PHE A 22 -5.72 -2.26 6.41
C PHE A 22 -6.80 -1.21 6.70
N HIS A 23 -7.82 -1.61 7.46
CA HIS A 23 -8.92 -0.70 7.81
C HIS A 23 -9.74 -1.29 8.96
N GLY A 24 -9.18 -2.30 9.63
CA GLY A 24 -9.86 -2.95 10.75
C GLY A 24 -9.01 -4.10 11.33
N PRO A 25 -9.57 -4.92 12.17
CA PRO A 25 -8.82 -6.08 12.79
C PRO A 25 -8.18 -7.02 11.73
N LEU A 26 -8.39 -6.74 10.46
CA LEU A 26 -7.84 -7.56 9.35
C LEU A 26 -7.15 -6.69 8.30
N ILE A 27 -6.23 -7.32 7.57
CA ILE A 27 -5.45 -6.66 6.51
C ILE A 27 -5.94 -7.17 5.14
N TYR A 28 -6.22 -6.23 4.23
CA TYR A 28 -6.71 -6.55 2.87
C TYR A 28 -5.67 -6.17 1.81
N GLU A 29 -5.70 -6.85 0.67
CA GLU A 29 -4.75 -6.60 -0.42
C GLU A 29 -5.17 -5.38 -1.24
N ALA A 30 -4.18 -4.63 -1.74
CA ALA A 30 -4.43 -3.44 -2.55
C ALA A 30 -3.24 -3.20 -3.47
N LYS A 31 -3.34 -2.23 -4.37
CA LYS A 31 -2.26 -1.90 -5.32
C LYS A 31 -2.20 -0.39 -5.56
N VAL A 32 -1.02 0.09 -5.91
CA VAL A 32 -0.77 1.52 -6.17
C VAL A 32 -0.97 1.81 -7.67
N LEU A 33 -1.93 2.67 -8.00
CA LEU A 33 -2.22 3.03 -9.41
C LEU A 33 -1.58 4.37 -9.73
N LYS A 34 -1.50 5.28 -8.77
CA LYS A 34 -0.90 6.60 -9.01
C LYS A 34 -0.32 7.16 -7.71
N THR A 35 0.78 7.90 -7.83
CA THR A 35 1.46 8.50 -6.67
C THR A 35 1.78 9.97 -6.93
N LYS A 36 1.72 10.78 -5.89
CA LYS A 36 2.03 12.23 -6.01
C LYS A 36 3.27 12.56 -5.15
N PRO A 37 4.47 12.32 -5.59
CA PRO A 37 5.71 12.61 -4.79
C PRO A 37 6.15 14.07 -4.91
N ASP A 38 5.26 14.92 -5.43
CA ASP A 38 5.54 16.34 -5.60
C ASP A 38 5.58 17.06 -4.25
N ALA A 39 5.56 16.31 -3.16
CA ALA A 39 5.58 16.90 -1.81
C ALA A 39 5.91 15.84 -0.74
N THR A 40 6.33 16.30 0.44
CA THR A 40 6.68 15.40 1.57
C THR A 40 6.25 16.01 2.95
N PRO A 41 5.30 15.48 3.64
CA PRO A 41 4.47 14.25 3.31
C PRO A 41 3.53 14.53 2.14
N VAL A 42 2.70 13.55 1.81
CA VAL A 42 1.75 13.70 0.68
C VAL A 42 0.69 12.59 0.72
N GLU A 43 -0.08 12.46 -0.37
CA GLU A 43 -1.15 11.45 -0.52
C GLU A 43 -0.80 10.49 -1.66
N TYR A 44 -1.40 9.30 -1.60
CA TYR A 44 -1.19 8.24 -2.60
C TYR A 44 -2.52 7.67 -3.10
N TYR A 45 -2.51 7.20 -4.34
CA TYR A 45 -3.74 6.62 -4.95
C TYR A 45 -3.76 5.11 -4.76
N ILE A 46 -4.58 4.68 -3.79
CA ILE A 46 -4.73 3.25 -3.45
C ILE A 46 -6.12 2.76 -3.87
N HIS A 47 -6.18 1.56 -4.43
CA HIS A 47 -7.46 0.95 -4.86
C HIS A 47 -7.43 -0.56 -4.55
N TYR A 48 -8.54 -1.07 -4.01
CA TYR A 48 -8.63 -2.49 -3.66
C TYR A 48 -8.82 -3.34 -4.93
N ALA A 49 -8.06 -4.42 -5.03
CA ALA A 49 -8.14 -5.32 -6.19
C ALA A 49 -9.46 -6.08 -6.22
N GLY A 50 -10.06 -6.20 -7.41
CA GLY A 50 -11.34 -6.92 -7.58
C GLY A 50 -12.54 -6.01 -7.28
N TRP A 51 -12.27 -4.72 -7.10
CA TRP A 51 -13.34 -3.73 -6.80
C TRP A 51 -13.23 -2.51 -7.73
N SER A 52 -14.28 -1.70 -7.74
CA SER A 52 -14.32 -0.49 -8.57
C SER A 52 -13.23 0.50 -8.15
N LYS A 53 -12.50 1.03 -9.12
CA LYS A 53 -11.41 1.99 -8.87
C LYS A 53 -11.95 3.41 -8.75
N ASN A 54 -13.22 3.62 -9.11
CA ASN A 54 -13.85 4.94 -9.05
C ASN A 54 -14.00 5.40 -7.59
N TRP A 55 -13.75 4.48 -6.65
CA TRP A 55 -13.86 4.77 -5.22
C TRP A 55 -12.76 5.76 -4.81
N ASP A 56 -11.66 5.74 -5.55
CA ASP A 56 -10.50 6.63 -5.31
C ASP A 56 -10.16 6.75 -3.81
N GLU A 57 -9.56 5.73 -3.22
CA GLU A 57 -9.20 5.75 -1.78
C GLU A 57 -7.86 6.47 -1.58
N TRP A 58 -7.91 7.80 -1.49
CA TRP A 58 -6.71 8.63 -1.27
C TRP A 58 -6.36 8.60 0.22
N VAL A 59 -5.16 8.11 0.55
CA VAL A 59 -4.73 8.02 1.98
C VAL A 59 -3.21 8.29 2.15
N PRO A 60 -2.80 8.81 3.28
CA PRO A 60 -1.34 9.06 3.54
C PRO A 60 -0.56 7.76 3.81
N GLU A 61 0.76 7.85 3.79
CA GLU A 61 1.65 6.69 4.02
C GLU A 61 1.25 5.92 5.30
N ASN A 62 0.65 6.63 6.27
CA ASN A 62 0.23 6.02 7.54
C ASN A 62 -0.69 4.80 7.33
N ARG A 63 -1.56 4.85 6.32
CA ARG A 63 -2.50 3.74 6.03
C ARG A 63 -1.87 2.71 5.06
N VAL A 64 -0.67 3.01 4.56
CA VAL A 64 0.03 2.12 3.60
C VAL A 64 1.34 1.60 4.21
N LEU A 65 1.66 0.35 3.93
CA LEU A 65 2.89 -0.28 4.44
C LEU A 65 3.61 -1.04 3.32
N LYS A 66 4.91 -1.28 3.53
CA LYS A 66 5.76 -1.99 2.57
C LYS A 66 5.38 -3.48 2.51
N TYR A 67 5.40 -4.06 1.31
CA TYR A 67 5.08 -5.48 1.13
C TYR A 67 6.31 -6.33 1.50
N ASN A 68 6.11 -7.29 2.39
CA ASN A 68 7.20 -8.17 2.84
C ASN A 68 6.66 -9.52 3.27
N ASP A 69 7.52 -10.54 3.22
CA ASP A 69 7.13 -11.90 3.60
C ASP A 69 6.76 -11.96 5.08
N ASP A 70 7.21 -10.98 5.87
CA ASP A 70 6.92 -10.93 7.32
C ASP A 70 5.64 -10.13 7.60
N ASN A 71 5.30 -9.18 6.73
CA ASN A 71 4.09 -8.36 6.91
C ASN A 71 2.85 -9.18 6.49
N VAL A 72 2.94 -9.82 5.34
CA VAL A 72 1.84 -10.65 4.83
C VAL A 72 1.56 -11.75 5.86
N LYS A 73 2.60 -12.10 6.61
CA LYS A 73 2.51 -13.12 7.66
C LYS A 73 1.58 -12.60 8.76
N ARG A 74 1.62 -11.31 9.06
CA ARG A 74 0.76 -10.71 10.09
C ARG A 74 -0.70 -10.96 9.72
N ARG A 75 -1.01 -10.94 8.43
CA ARG A 75 -2.38 -11.18 7.95
C ARG A 75 -2.72 -12.65 8.21
N GLN A 76 -1.74 -13.53 7.97
CA GLN A 76 -1.93 -14.97 8.19
C GLN A 76 -2.14 -15.21 9.69
N GLU A 77 -1.41 -14.47 10.53
CA GLU A 77 -1.55 -14.59 11.99
C GLU A 77 -2.98 -14.16 12.38
N LEU A 78 -3.39 -13.00 11.90
CA LEU A 78 -4.74 -12.46 12.16
C LEU A 78 -5.80 -13.41 11.59
N ALA A 79 -5.48 -14.03 10.46
CA ALA A 79 -6.41 -14.97 9.81
C ALA A 79 -6.68 -16.18 10.73
N ARG A 80 -5.64 -16.63 11.42
CA ARG A 80 -5.77 -17.76 12.36
C ARG A 80 -6.61 -17.33 13.55
N GLN A 81 -6.34 -16.15 14.07
CA GLN A 81 -7.07 -15.60 15.22
C GLN A 81 -8.53 -15.36 14.84
N CYS A 82 -8.76 -14.85 13.64
CA CYS A 82 -10.11 -14.56 13.16
C CYS A 82 -10.92 -15.85 13.03
N GLY A 83 -10.29 -16.91 12.53
CA GLY A 83 -10.96 -18.20 12.35
C GLY A 83 -10.00 -19.23 11.76
N GLU A 84 -10.53 -20.41 11.45
CA GLU A 84 -9.72 -21.49 10.88
C GLU A 84 -10.61 -22.62 10.35
N ARG A 85 -11.92 -22.45 10.51
CA ARG A 85 -12.90 -23.46 10.05
C ARG A 85 -12.60 -24.84 10.65
N MET A 1 24.09 12.65 0.13
CA MET A 1 24.63 12.26 -1.21
C MET A 1 24.24 10.80 -1.49
N ASN A 2 23.05 10.43 -1.07
CA ASN A 2 22.54 9.06 -1.27
C ASN A 2 22.38 8.77 -2.76
N TYR A 3 22.48 7.51 -3.14
CA TYR A 3 22.35 7.09 -4.54
C TYR A 3 22.22 5.57 -4.63
N SER A 4 22.52 4.87 -3.55
CA SER A 4 22.43 3.40 -3.50
C SER A 4 21.00 2.94 -3.78
N THR A 5 20.02 3.73 -3.35
CA THR A 5 18.61 3.40 -3.55
C THR A 5 18.28 3.33 -5.05
N GLY A 6 18.73 4.33 -5.80
CA GLY A 6 18.47 4.39 -7.24
C GLY A 6 16.97 4.37 -7.55
N THR A 7 16.34 5.54 -7.47
CA THR A 7 14.89 5.66 -7.73
C THR A 7 14.55 7.09 -8.16
N ASP A 8 13.61 7.20 -9.11
CA ASP A 8 13.17 8.50 -9.62
C ASP A 8 12.40 9.28 -8.56
N ALA A 9 11.22 8.78 -8.22
CA ALA A 9 10.37 9.44 -7.22
C ALA A 9 11.03 9.42 -5.84
N ASN A 10 10.92 10.52 -5.11
CA ASN A 10 11.51 10.64 -3.76
C ASN A 10 10.86 9.63 -2.81
N THR A 11 9.54 9.48 -2.92
CA THR A 11 8.80 8.55 -2.06
C THR A 11 9.19 7.12 -2.37
N LEU A 12 8.94 6.21 -1.42
CA LEU A 12 9.27 4.78 -1.57
C LEU A 12 8.12 4.04 -2.24
N PHE A 13 7.02 4.74 -2.53
CA PHE A 13 5.83 4.13 -3.18
C PHE A 13 5.87 4.38 -4.70
N VAL A 14 5.99 3.30 -5.46
CA VAL A 14 6.04 3.38 -6.95
C VAL A 14 4.74 2.85 -7.54
N ASP A 15 4.23 3.52 -8.56
CA ASP A 15 2.99 3.14 -9.22
C ASP A 15 3.11 1.74 -9.86
N GLY A 16 2.02 0.98 -9.81
CA GLY A 16 1.98 -0.38 -10.38
C GLY A 16 2.47 -1.41 -9.36
N GLU A 17 2.92 -0.93 -8.20
CA GLU A 17 3.42 -1.82 -7.13
C GLU A 17 2.28 -2.33 -6.24
N ARG A 18 2.31 -3.62 -5.93
CA ARG A 18 1.28 -4.24 -5.08
C ARG A 18 1.58 -3.91 -3.60
N VAL A 19 0.55 -3.52 -2.86
CA VAL A 19 0.71 -3.16 -1.43
C VAL A 19 -0.46 -3.72 -0.62
N LEU A 20 -0.34 -3.63 0.70
CA LEU A 20 -1.37 -4.12 1.63
C LEU A 20 -2.02 -2.94 2.38
N CYS A 21 -3.34 -3.03 2.55
CA CYS A 21 -4.11 -1.97 3.25
C CYS A 21 -4.94 -2.57 4.40
N PHE A 22 -4.75 -2.06 5.60
CA PHE A 22 -5.48 -2.55 6.79
C PHE A 22 -6.46 -1.48 7.27
N HIS A 23 -7.23 -1.81 8.30
CA HIS A 23 -8.23 -0.88 8.86
C HIS A 23 -8.44 -1.15 10.33
N GLY A 24 -8.26 -2.41 10.74
CA GLY A 24 -8.41 -2.83 12.13
C GLY A 24 -8.73 -4.34 12.21
N PRO A 25 -9.84 -4.76 11.67
CA PRO A 25 -10.22 -6.23 11.72
C PRO A 25 -9.16 -7.17 11.13
N LEU A 26 -8.75 -6.90 9.88
CA LEU A 26 -7.73 -7.75 9.19
C LEU A 26 -7.05 -6.96 8.08
N ILE A 27 -5.90 -7.48 7.64
CA ILE A 27 -5.11 -6.85 6.56
C ILE A 27 -5.67 -7.29 5.19
N TYR A 28 -5.97 -6.33 4.33
CA TYR A 28 -6.51 -6.60 2.97
C TYR A 28 -5.49 -6.21 1.90
N GLU A 29 -5.66 -6.75 0.70
CA GLU A 29 -4.76 -6.47 -0.42
C GLU A 29 -5.21 -5.24 -1.21
N ALA A 30 -4.24 -4.50 -1.71
CA ALA A 30 -4.50 -3.29 -2.49
C ALA A 30 -3.34 -3.04 -3.44
N LYS A 31 -3.50 -2.08 -4.34
CA LYS A 31 -2.45 -1.76 -5.33
C LYS A 31 -2.35 -0.24 -5.56
N VAL A 32 -1.13 0.24 -5.78
CA VAL A 32 -0.87 1.67 -6.02
C VAL A 32 -1.01 1.97 -7.52
N LEU A 33 -2.05 2.74 -7.87
CA LEU A 33 -2.28 3.12 -9.28
C LEU A 33 -1.58 4.42 -9.60
N LYS A 34 -1.55 5.35 -8.65
CA LYS A 34 -0.91 6.66 -8.87
C LYS A 34 -0.38 7.21 -7.54
N THR A 35 0.78 7.87 -7.60
CA THR A 35 1.42 8.46 -6.42
C THR A 35 1.80 9.91 -6.66
N LYS A 36 1.72 10.72 -5.62
CA LYS A 36 2.07 12.16 -5.75
C LYS A 36 3.33 12.46 -4.91
N PRO A 37 4.52 12.33 -5.45
CA PRO A 37 5.77 12.61 -4.68
C PRO A 37 6.18 14.09 -4.73
N ASP A 38 5.32 14.93 -5.28
CA ASP A 38 5.58 16.37 -5.38
C ASP A 38 5.55 17.04 -4.01
N ALA A 39 5.50 16.25 -2.95
CA ALA A 39 5.46 16.78 -1.57
C ALA A 39 5.78 15.70 -0.53
N THR A 40 6.22 16.13 0.65
CA THR A 40 6.57 15.19 1.75
C THR A 40 6.17 15.78 3.14
N PRO A 41 5.24 15.21 3.87
CA PRO A 41 4.44 13.98 3.52
C PRO A 41 3.45 14.27 2.40
N VAL A 42 2.67 13.25 2.03
CA VAL A 42 1.70 13.41 0.94
C VAL A 42 0.73 12.24 0.89
N GLU A 43 -0.28 12.31 0.04
CA GLU A 43 -1.29 11.27 -0.14
C GLU A 43 -0.90 10.37 -1.33
N TYR A 44 -1.59 9.23 -1.43
CA TYR A 44 -1.35 8.25 -2.50
C TYR A 44 -2.66 7.70 -3.03
N TYR A 45 -2.64 7.29 -4.30
CA TYR A 45 -3.86 6.74 -4.95
C TYR A 45 -3.90 5.22 -4.75
N ILE A 46 -4.74 4.79 -3.81
CA ILE A 46 -4.91 3.35 -3.51
C ILE A 46 -6.31 2.89 -3.96
N HIS A 47 -6.38 1.66 -4.46
CA HIS A 47 -7.66 1.07 -4.91
C HIS A 47 -7.65 -0.44 -4.62
N TYR A 48 -8.80 -0.99 -4.23
CA TYR A 48 -8.90 -2.42 -3.92
C TYR A 48 -8.90 -3.24 -5.23
N ALA A 49 -8.13 -4.32 -5.24
CA ALA A 49 -8.02 -5.18 -6.43
C ALA A 49 -9.36 -5.88 -6.73
N GLY A 50 -9.83 -5.79 -7.97
CA GLY A 50 -11.09 -6.42 -8.40
C GLY A 50 -12.28 -5.51 -8.10
N TRP A 51 -12.04 -4.21 -8.03
CA TRP A 51 -13.11 -3.22 -7.75
C TRP A 51 -12.92 -1.97 -8.60
N SER A 52 -14.00 -1.20 -8.71
CA SER A 52 -13.98 0.05 -9.50
C SER A 52 -12.98 1.05 -8.90
N LYS A 53 -12.18 1.68 -9.75
CA LYS A 53 -11.18 2.67 -9.35
C LYS A 53 -11.81 4.06 -9.18
N ASN A 54 -13.09 4.20 -9.53
CA ASN A 54 -13.80 5.48 -9.43
C ASN A 54 -14.00 5.86 -7.96
N TRP A 55 -13.78 4.92 -7.06
CA TRP A 55 -13.94 5.14 -5.62
C TRP A 55 -12.85 6.10 -5.13
N ASP A 56 -11.71 6.08 -5.81
CA ASP A 56 -10.56 6.95 -5.49
C ASP A 56 -10.27 7.02 -3.98
N GLU A 57 -9.72 5.95 -3.40
CA GLU A 57 -9.42 5.93 -1.96
C GLU A 57 -8.07 6.58 -1.69
N TRP A 58 -8.04 7.90 -1.55
CA TRP A 58 -6.81 8.65 -1.26
C TRP A 58 -6.50 8.50 0.24
N VAL A 59 -5.32 7.98 0.57
CA VAL A 59 -4.94 7.78 2.01
C VAL A 59 -3.42 8.05 2.24
N PRO A 60 -3.05 8.46 3.42
CA PRO A 60 -1.60 8.73 3.75
C PRO A 60 -0.78 7.43 3.84
N GLU A 61 0.53 7.56 3.74
CA GLU A 61 1.44 6.42 3.81
C GLU A 61 1.24 5.60 5.10
N ASN A 62 0.57 6.20 6.08
CA ASN A 62 0.32 5.54 7.36
C ASN A 62 -0.53 4.27 7.21
N ARG A 63 -1.53 4.31 6.33
CA ARG A 63 -2.42 3.15 6.10
C ARG A 63 -1.85 2.24 5.01
N VAL A 64 -0.71 2.62 4.43
CA VAL A 64 -0.07 1.82 3.35
C VAL A 64 1.30 1.31 3.82
N LEU A 65 1.59 0.06 3.49
CA LEU A 65 2.88 -0.57 3.87
C LEU A 65 3.43 -1.40 2.71
N LYS A 66 4.73 -1.65 2.76
CA LYS A 66 5.41 -2.42 1.71
C LYS A 66 4.99 -3.89 1.79
N TYR A 67 5.08 -4.57 0.64
CA TYR A 67 4.72 -6.00 0.56
C TYR A 67 5.96 -6.85 0.87
N ASN A 68 5.88 -7.61 1.96
CA ASN A 68 7.01 -8.48 2.37
C ASN A 68 6.48 -9.69 3.15
N ASP A 69 7.21 -10.80 3.05
CA ASP A 69 6.84 -12.04 3.74
C ASP A 69 6.50 -11.78 5.21
N ASP A 70 7.04 -10.71 5.78
CA ASP A 70 6.78 -10.34 7.18
C ASP A 70 5.38 -9.78 7.33
N ASN A 71 4.99 -8.84 6.46
CA ASN A 71 3.66 -8.24 6.51
C ASN A 71 2.61 -9.32 6.22
N VAL A 72 2.97 -10.26 5.36
CA VAL A 72 2.09 -11.38 5.02
C VAL A 72 1.93 -12.26 6.28
N LYS A 73 3.03 -12.45 7.00
CA LYS A 73 3.05 -13.24 8.24
C LYS A 73 2.07 -12.64 9.25
N ARG A 74 2.02 -11.31 9.31
CA ARG A 74 1.12 -10.61 10.24
C ARG A 74 -0.35 -10.93 9.89
N ARG A 75 -0.66 -11.01 8.60
CA ARG A 75 -2.03 -11.34 8.16
C ARG A 75 -2.33 -12.75 8.58
N GLN A 76 -1.35 -13.62 8.41
CA GLN A 76 -1.45 -15.03 8.77
C GLN A 76 -1.55 -15.11 10.29
N GLU A 77 -0.90 -14.19 10.98
CA GLU A 77 -0.92 -14.15 12.45
C GLU A 77 -2.32 -13.72 12.90
N LEU A 78 -2.83 -12.68 12.25
CA LEU A 78 -4.17 -12.14 12.53
C LEU A 78 -5.24 -13.13 12.03
N ALA A 79 -4.90 -13.90 11.02
CA ALA A 79 -5.86 -14.88 10.45
C ALA A 79 -6.22 -15.93 11.51
N ARG A 80 -5.21 -16.57 12.10
CA ARG A 80 -5.43 -17.58 13.15
C ARG A 80 -6.08 -16.91 14.36
N GLN A 81 -5.79 -15.62 14.53
CA GLN A 81 -6.34 -14.83 15.65
C GLN A 81 -7.83 -14.62 15.45
N CYS A 82 -8.24 -14.34 14.21
CA CYS A 82 -9.64 -14.10 13.87
C CYS A 82 -10.48 -15.32 14.21
N GLY A 83 -9.97 -16.50 13.87
CA GLY A 83 -10.67 -17.76 14.13
C GLY A 83 -11.99 -17.81 13.38
N GLU A 84 -12.94 -18.55 13.93
CA GLU A 84 -14.27 -18.70 13.32
C GLU A 84 -14.15 -19.17 11.85
N ARG A 85 -14.33 -20.46 11.65
CA ARG A 85 -14.24 -21.05 10.31
C ARG A 85 -15.27 -20.43 9.35
#